data_8UP6
#
_entry.id   8UP6
#
_cell.length_a   72.045
_cell.length_b   77.327
_cell.length_c   115.025
_cell.angle_alpha   90.00
_cell.angle_beta   90.00
_cell.angle_gamma   90.00
#
_symmetry.space_group_name_H-M   'P 21 21 21'
#
loop_
_entity.id
_entity.type
_entity.pdbx_description
1 polymer Asparaginase
2 non-polymer 'ASPARTIC ACID'
3 non-polymer 'TETRAETHYLENE GLYCOL'
4 water water
#
_entity_poly.entity_id   1
_entity_poly.type   'polypeptide(L)'
_entity_poly.pdbx_seq_one_letter_code
;HHHHHHENLYFQSMAVSPSPLRIFTAGGTIDADYRLEENGLVVGDPFVAEVLKTARLAGAVSIVALSRKDSLDFTEADRE
AIGRAVGQAVEDHILLTHGTDTMVETARYLGGLPELAGKTVVLSGAMVPGRVGGSDAAFNIGFACAAALMLAPGVYIAMH
GKVFDPAKTRKNRGLGRFEPIDDQE
;
_entity_poly.pdbx_strand_id   A,B,C,D
#
loop_
_chem_comp.id
_chem_comp.type
_chem_comp.name
_chem_comp.formula
PG4 non-polymer 'TETRAETHYLENE GLYCOL' 'C8 H18 O5'
#
# COMPACT_ATOMS: atom_id res chain seq x y z
N SER A 13 -20.09 -9.04 -37.08
CA SER A 13 -19.94 -7.87 -36.17
C SER A 13 -18.59 -7.94 -35.42
N MET A 14 -18.07 -6.78 -34.96
CA MET A 14 -16.85 -6.66 -34.12
C MET A 14 -17.11 -7.33 -32.76
N ALA A 15 -16.10 -7.94 -32.13
CA ALA A 15 -16.34 -8.79 -30.94
C ALA A 15 -16.85 -7.91 -29.79
N VAL A 16 -17.90 -8.35 -29.10
CA VAL A 16 -18.44 -7.65 -27.88
C VAL A 16 -18.05 -8.49 -26.67
N SER A 17 -17.39 -7.89 -25.68
CA SER A 17 -17.10 -8.62 -24.43
C SER A 17 -18.38 -8.74 -23.63
N PRO A 18 -18.78 -9.99 -23.23
CA PRO A 18 -19.89 -10.16 -22.32
C PRO A 18 -19.52 -9.80 -20.88
N SER A 19 -20.54 -9.57 -20.09
CA SER A 19 -20.46 -9.23 -18.65
C SER A 19 -21.24 -10.30 -17.88
N PRO A 20 -20.75 -11.57 -17.84
CA PRO A 20 -21.56 -12.68 -17.34
C PRO A 20 -21.68 -12.74 -15.82
N LEU A 21 -20.85 -11.96 -15.12
CA LEU A 21 -20.83 -11.92 -13.64
C LEU A 21 -21.51 -10.66 -13.09
N ARG A 22 -22.36 -10.84 -12.09
CA ARG A 22 -22.92 -9.75 -11.28
C ARG A 22 -22.43 -9.95 -9.85
N ILE A 23 -22.13 -8.83 -9.19
CA ILE A 23 -21.67 -8.80 -7.78
C ILE A 23 -22.67 -8.04 -6.92
N PHE A 24 -23.06 -8.66 -5.85
CA PHE A 24 -23.85 -8.03 -4.78
C PHE A 24 -22.97 -7.83 -3.56
N THR A 25 -23.18 -6.76 -2.80
CA THR A 25 -22.39 -6.48 -1.57
C THR A 25 -23.34 -6.40 -0.38
N ALA A 26 -23.06 -7.13 0.68
CA ALA A 26 -23.86 -7.19 1.91
C ALA A 26 -23.04 -6.74 3.11
N GLY A 27 -21.92 -6.03 2.92
CA GLY A 27 -21.09 -5.60 4.06
C GLY A 27 -20.03 -6.60 4.48
N GLY A 28 -19.69 -6.56 5.76
CA GLY A 28 -18.69 -7.42 6.38
C GLY A 28 -17.35 -6.69 6.55
N THR A 29 -16.49 -7.34 7.33
CA THR A 29 -15.12 -6.94 7.62
C THR A 29 -14.43 -6.50 6.34
N ILE A 30 -14.68 -7.19 5.22
CA ILE A 30 -13.95 -6.84 3.95
C ILE A 30 -14.08 -5.34 3.67
N ASP A 31 -15.23 -4.74 4.02
CA ASP A 31 -15.60 -3.36 3.63
C ASP A 31 -15.37 -2.37 4.79
N ALA A 32 -14.70 -2.80 5.86
CA ALA A 32 -14.53 -1.96 7.07
C ALA A 32 -13.67 -0.77 6.68
N ASP A 33 -13.92 0.38 7.28
CA ASP A 33 -12.99 1.50 7.05
C ASP A 33 -12.98 2.36 8.29
N TYR A 34 -11.94 3.14 8.48
CA TYR A 34 -11.78 3.94 9.72
C TYR A 34 -12.60 5.22 9.60
N ARG A 35 -13.27 5.59 10.71
CA ARG A 35 -14.00 6.87 10.79
C ARG A 35 -13.62 7.58 12.08
N LEU A 36 -13.16 8.83 11.95
CA LEU A 36 -12.72 9.68 13.10
C LEU A 36 -13.87 9.83 14.08
N GLU A 37 -15.09 10.08 13.59
CA GLU A 37 -16.34 10.24 14.39
C GLU A 37 -16.40 9.14 15.45
N GLU A 38 -16.04 7.94 15.04
CA GLU A 38 -16.33 6.65 15.72
C GLU A 38 -15.13 6.19 16.50
N ASN A 39 -13.96 6.72 16.16
CA ASN A 39 -12.66 6.28 16.72
C ASN A 39 -12.49 4.78 16.50
N GLY A 40 -12.88 4.31 15.32
CA GLY A 40 -12.78 2.88 14.98
C GLY A 40 -13.34 2.62 13.59
N LEU A 41 -13.47 1.34 13.30
CA LEU A 41 -13.96 0.85 12.01
C LEU A 41 -15.49 0.86 12.01
N VAL A 42 -16.02 1.18 10.85
CA VAL A 42 -17.45 1.01 10.44
C VAL A 42 -17.44 0.24 9.13
N VAL A 43 -18.61 -0.26 8.74
CA VAL A 43 -18.76 -0.87 7.39
C VAL A 43 -18.82 0.29 6.39
N GLY A 44 -17.80 0.41 5.54
CA GLY A 44 -17.70 1.49 4.55
C GLY A 44 -18.16 1.08 3.19
N ASP A 45 -17.62 1.75 2.18
CA ASP A 45 -17.96 1.48 0.77
C ASP A 45 -17.41 0.11 0.41
N PRO A 46 -18.04 -0.56 -0.59
CA PRO A 46 -17.65 -1.93 -0.94
C PRO A 46 -16.24 -2.00 -1.52
N PHE A 47 -15.41 -2.84 -0.88
CA PHE A 47 -13.99 -2.95 -1.23
C PHE A 47 -13.84 -3.66 -2.56
N VAL A 48 -14.79 -4.53 -2.88
CA VAL A 48 -14.69 -5.24 -4.18
C VAL A 48 -14.62 -4.20 -5.32
N ALA A 49 -15.34 -3.08 -5.21
CA ALA A 49 -15.32 -2.04 -6.26
C ALA A 49 -13.91 -1.50 -6.44
N GLU A 50 -13.18 -1.32 -5.32
CA GLU A 50 -11.78 -0.87 -5.42
C GLU A 50 -10.89 -1.89 -6.11
N VAL A 51 -11.05 -3.20 -5.84
CA VAL A 51 -10.23 -4.23 -6.50
C VAL A 51 -10.49 -4.24 -7.99
N LEU A 52 -11.76 -4.18 -8.37
CA LEU A 52 -12.09 -4.34 -9.80
C LEU A 52 -11.64 -3.11 -10.60
N LYS A 53 -11.52 -1.95 -9.99
CA LYS A 53 -11.11 -0.71 -10.70
C LYS A 53 -9.75 -0.93 -11.36
N THR A 54 -8.85 -1.72 -10.74
CA THR A 54 -7.47 -1.90 -11.23
C THR A 54 -7.22 -3.32 -11.75
N ALA A 55 -8.28 -4.09 -11.96
CA ALA A 55 -8.15 -5.50 -12.41
C ALA A 55 -8.03 -5.61 -13.92
N ARG A 56 -8.15 -4.51 -14.70
CA ARG A 56 -8.02 -4.55 -16.18
C ARG A 56 -8.95 -5.61 -16.76
N LEU A 57 -10.22 -5.55 -16.38
CA LEU A 57 -11.20 -6.59 -16.77
C LEU A 57 -11.51 -6.45 -18.26
N ALA A 58 -11.73 -7.59 -18.92
CA ALA A 58 -12.17 -7.63 -20.34
C ALA A 58 -13.62 -7.17 -20.44
N GLY A 59 -14.46 -7.67 -19.53
CA GLY A 59 -15.89 -7.34 -19.35
C GLY A 59 -16.05 -6.18 -18.42
N ALA A 60 -17.27 -5.93 -18.01
CA ALA A 60 -17.64 -4.93 -16.98
C ALA A 60 -18.48 -5.67 -15.96
N VAL A 61 -18.23 -5.39 -14.70
CA VAL A 61 -18.99 -6.09 -13.65
C VAL A 61 -19.88 -5.06 -13.01
N SER A 62 -21.18 -5.29 -13.09
CA SER A 62 -22.13 -4.51 -12.30
C SER A 62 -22.02 -4.91 -10.83
N ILE A 63 -21.93 -3.93 -9.95
CA ILE A 63 -21.78 -4.11 -8.50
C ILE A 63 -22.97 -3.44 -7.87
N VAL A 64 -23.75 -4.23 -7.12
CA VAL A 64 -25.04 -3.76 -6.54
C VAL A 64 -24.96 -3.91 -5.04
N ALA A 65 -25.18 -2.82 -4.33
CA ALA A 65 -25.25 -2.81 -2.86
C ALA A 65 -26.61 -3.29 -2.40
N LEU A 66 -26.63 -4.32 -1.55
CA LEU A 66 -27.84 -4.88 -0.93
C LEU A 66 -27.91 -4.43 0.51
N SER A 67 -26.78 -4.38 1.23
CA SER A 67 -26.75 -4.08 2.69
C SER A 67 -25.37 -3.64 3.18
N ARG A 68 -25.36 -2.95 4.32
CA ARG A 68 -24.15 -2.57 5.09
C ARG A 68 -24.27 -2.97 6.56
N LYS A 69 -25.27 -3.77 6.97
CA LYS A 69 -25.35 -4.28 8.37
C LYS A 69 -24.14 -5.19 8.63
N ASP A 70 -23.76 -5.39 9.90
CA ASP A 70 -22.77 -6.45 10.27
C ASP A 70 -23.50 -7.77 10.07
N SER A 71 -22.79 -8.82 9.61
CA SER A 71 -23.40 -10.13 9.24
C SER A 71 -24.14 -10.74 10.44
N LEU A 72 -23.67 -10.43 11.66
CA LEU A 72 -24.35 -10.82 12.93
C LEU A 72 -25.70 -10.12 13.10
N ASP A 73 -25.99 -9.00 12.41
CA ASP A 73 -27.26 -8.22 12.50
C ASP A 73 -28.28 -8.68 11.44
N PHE A 74 -27.96 -9.72 10.66
CA PHE A 74 -28.91 -10.18 9.60
C PHE A 74 -30.10 -10.89 10.25
N THR A 75 -31.32 -10.49 9.87
CA THR A 75 -32.59 -11.19 10.18
C THR A 75 -32.90 -12.17 9.05
N GLU A 76 -33.82 -13.09 9.34
CA GLU A 76 -34.55 -13.92 8.34
C GLU A 76 -35.02 -13.01 7.20
N ALA A 77 -35.66 -11.89 7.54
CA ALA A 77 -36.17 -10.87 6.60
C ALA A 77 -35.05 -10.40 5.67
N ASP A 78 -33.88 -10.10 6.23
CA ASP A 78 -32.70 -9.60 5.48
C ASP A 78 -32.24 -10.68 4.50
N ARG A 79 -32.07 -11.91 5.00
CA ARG A 79 -31.66 -13.05 4.15
C ARG A 79 -32.68 -13.19 3.01
N GLU A 80 -33.98 -13.14 3.31
CA GLU A 80 -35.04 -13.26 2.28
C GLU A 80 -34.86 -12.17 1.22
N ALA A 81 -34.55 -10.92 1.59
CA ALA A 81 -34.42 -9.78 0.66
C ALA A 81 -33.21 -9.99 -0.28
N ILE A 82 -32.13 -10.57 0.26
CA ILE A 82 -30.92 -10.95 -0.54
C ILE A 82 -31.29 -12.03 -1.55
N GLY A 83 -32.03 -13.08 -1.12
CA GLY A 83 -32.44 -14.16 -2.03
C GLY A 83 -33.26 -13.62 -3.19
N ARG A 84 -34.13 -12.64 -2.92
CA ARG A 84 -35.02 -12.10 -3.97
C ARG A 84 -34.16 -11.32 -4.97
N ALA A 85 -33.17 -10.55 -4.51
CA ALA A 85 -32.27 -9.76 -5.39
C ALA A 85 -31.46 -10.70 -6.27
N VAL A 86 -30.87 -11.74 -5.68
CA VAL A 86 -30.05 -12.74 -6.43
C VAL A 86 -30.94 -13.46 -7.48
N GLY A 87 -32.12 -13.90 -7.06
CA GLY A 87 -33.08 -14.60 -7.94
C GLY A 87 -33.49 -13.77 -9.16
N GLN A 88 -33.55 -12.44 -9.04
CA GLN A 88 -34.04 -11.51 -10.10
C GLN A 88 -32.94 -11.11 -11.06
N ALA A 89 -31.66 -11.34 -10.71
CA ALA A 89 -30.57 -11.09 -11.65
C ALA A 89 -30.75 -12.02 -12.84
N VAL A 90 -30.43 -11.53 -14.02
CA VAL A 90 -30.46 -12.36 -15.25
C VAL A 90 -29.16 -13.20 -15.31
N GLU A 91 -28.09 -12.74 -14.66
CA GLU A 91 -26.76 -13.37 -14.81
C GLU A 91 -26.83 -14.71 -14.12
N ASP A 92 -26.11 -15.71 -14.63
CA ASP A 92 -26.08 -17.05 -13.99
C ASP A 92 -24.82 -17.19 -13.13
N HIS A 93 -24.01 -16.14 -13.04
CA HIS A 93 -22.73 -16.19 -12.27
C HIS A 93 -22.78 -15.02 -11.29
N ILE A 94 -22.80 -15.32 -10.01
CA ILE A 94 -23.09 -14.32 -8.96
C ILE A 94 -22.07 -14.43 -7.83
N LEU A 95 -21.51 -13.30 -7.44
CA LEU A 95 -20.64 -13.21 -6.23
C LEU A 95 -21.29 -12.25 -5.25
N LEU A 96 -21.44 -12.71 -4.03
CA LEU A 96 -22.00 -11.94 -2.91
C LEU A 96 -20.90 -11.74 -1.87
N THR A 97 -20.41 -10.49 -1.72
CA THR A 97 -19.46 -10.21 -0.64
C THR A 97 -20.26 -9.96 0.64
N HIS A 98 -19.76 -10.48 1.74
CA HIS A 98 -20.54 -10.69 2.99
C HIS A 98 -19.61 -10.79 4.19
N GLY A 99 -20.11 -10.50 5.40
CA GLY A 99 -19.36 -10.75 6.63
C GLY A 99 -19.18 -12.25 6.84
N THR A 100 -18.13 -12.65 7.49
CA THR A 100 -17.81 -14.08 7.63
C THR A 100 -18.63 -14.70 8.76
N ASP A 101 -19.10 -13.88 9.71
CA ASP A 101 -19.73 -14.42 10.94
C ASP A 101 -20.98 -15.24 10.59
N THR A 102 -21.82 -14.77 9.67
CA THR A 102 -23.09 -15.48 9.31
C THR A 102 -23.12 -15.84 7.82
N MET A 103 -21.96 -15.93 7.18
CA MET A 103 -21.87 -16.34 5.75
C MET A 103 -22.48 -17.73 5.56
N VAL A 104 -22.22 -18.66 6.46
CA VAL A 104 -22.76 -20.03 6.34
C VAL A 104 -24.29 -19.97 6.40
N GLU A 105 -24.88 -19.16 7.30
CA GLU A 105 -26.36 -19.05 7.44
C GLU A 105 -26.93 -18.49 6.16
N THR A 106 -26.29 -17.49 5.55
CA THR A 106 -26.85 -16.87 4.34
C THR A 106 -26.70 -17.88 3.20
N ALA A 107 -25.59 -18.60 3.15
CA ALA A 107 -25.27 -19.56 2.06
C ALA A 107 -26.28 -20.72 2.12
N ARG A 108 -26.53 -21.23 3.31
CA ARG A 108 -27.50 -22.37 3.46
C ARG A 108 -28.89 -21.90 3.03
N TYR A 109 -29.31 -20.71 3.46
CA TYR A 109 -30.62 -20.12 3.08
C TYR A 109 -30.75 -20.06 1.56
N LEU A 110 -29.72 -19.54 0.84
CA LEU A 110 -29.82 -19.36 -0.63
C LEU A 110 -29.89 -20.72 -1.30
N GLY A 111 -29.23 -21.72 -0.73
CA GLY A 111 -29.11 -23.05 -1.33
C GLY A 111 -30.45 -23.75 -1.37
N GLY A 112 -31.42 -23.26 -0.59
CA GLY A 112 -32.79 -23.81 -0.55
C GLY A 112 -33.75 -23.15 -1.51
N LEU A 113 -33.33 -22.16 -2.30
CA LEU A 113 -34.22 -21.40 -3.22
C LEU A 113 -34.19 -22.01 -4.62
N PRO A 114 -35.34 -22.53 -5.10
CA PRO A 114 -35.43 -23.08 -6.45
C PRO A 114 -35.07 -22.10 -7.57
N GLU A 115 -35.36 -20.83 -7.33
CA GLU A 115 -35.09 -19.66 -8.22
C GLU A 115 -33.60 -19.57 -8.56
N LEU A 116 -32.73 -20.16 -7.74
CA LEU A 116 -31.27 -20.02 -7.95
C LEU A 116 -30.69 -21.28 -8.57
N ALA A 117 -31.54 -22.24 -8.97
CA ALA A 117 -31.07 -23.57 -9.44
C ALA A 117 -30.06 -23.50 -10.60
N GLY A 118 -30.25 -22.57 -11.53
CA GLY A 118 -29.41 -22.47 -12.75
C GLY A 118 -28.23 -21.53 -12.52
N LYS A 119 -28.10 -20.96 -11.33
CA LYS A 119 -27.02 -19.96 -11.09
C LYS A 119 -25.90 -20.58 -10.27
N THR A 120 -24.70 -20.10 -10.53
CA THR A 120 -23.54 -20.37 -9.67
C THR A 120 -23.39 -19.17 -8.73
N VAL A 121 -23.65 -19.35 -7.44
CA VAL A 121 -23.68 -18.23 -6.48
C VAL A 121 -22.56 -18.50 -5.47
N VAL A 122 -21.59 -17.58 -5.39
CA VAL A 122 -20.41 -17.73 -4.49
C VAL A 122 -20.45 -16.59 -3.47
N LEU A 123 -20.28 -16.95 -2.23
CA LEU A 123 -20.15 -15.99 -1.11
C LEU A 123 -18.67 -15.88 -0.75
N SER A 124 -18.21 -14.67 -0.49
CA SER A 124 -16.81 -14.46 -0.10
C SER A 124 -16.77 -13.16 0.71
N GLY A 125 -15.61 -12.87 1.20
CA GLY A 125 -15.41 -11.78 2.15
C GLY A 125 -13.94 -11.68 2.47
N ALA A 126 -13.60 -11.24 3.65
CA ALA A 126 -12.19 -11.21 4.08
C ALA A 126 -12.13 -11.28 5.58
N MET A 127 -11.12 -11.92 6.12
CA MET A 127 -10.87 -12.00 7.58
C MET A 127 -10.27 -10.68 8.06
N VAL A 128 -9.59 -9.95 7.16
CA VAL A 128 -8.93 -8.65 7.49
C VAL A 128 -9.49 -7.64 6.51
N PRO A 129 -9.91 -6.43 6.97
CA PRO A 129 -10.44 -5.43 6.08
C PRO A 129 -9.51 -5.15 4.88
N GLY A 130 -10.09 -4.99 3.69
CA GLY A 130 -9.27 -4.65 2.53
C GLY A 130 -8.51 -3.35 2.73
N ARG A 131 -9.03 -2.40 3.51
CA ARG A 131 -8.35 -1.10 3.72
C ARG A 131 -7.39 -1.16 4.91
N VAL A 132 -7.14 -2.34 5.43
CA VAL A 132 -6.10 -2.56 6.47
C VAL A 132 -4.94 -3.32 5.84
N GLY A 133 -3.71 -2.99 6.21
CA GLY A 133 -2.52 -3.70 5.70
C GLY A 133 -2.56 -5.20 5.96
N GLY A 134 -2.10 -5.99 4.99
CA GLY A 134 -1.98 -7.47 5.15
C GLY A 134 -3.31 -8.19 4.94
N SER A 135 -4.22 -7.58 4.15
CA SER A 135 -5.59 -8.13 3.90
C SER A 135 -5.55 -9.28 2.88
N ASP A 136 -6.36 -10.31 3.12
CA ASP A 136 -6.70 -11.41 2.19
C ASP A 136 -7.72 -10.95 1.14
N ALA A 137 -8.28 -9.73 1.23
CA ALA A 137 -9.44 -9.32 0.40
C ALA A 137 -9.16 -9.47 -1.11
N ALA A 138 -8.10 -8.87 -1.65
CA ALA A 138 -7.95 -8.81 -3.13
C ALA A 138 -7.79 -10.23 -3.68
N PHE A 139 -6.97 -11.05 -3.04
CA PHE A 139 -6.84 -12.50 -3.41
C PHE A 139 -8.23 -13.14 -3.45
N ASN A 140 -8.96 -12.96 -2.36
CA ASN A 140 -10.26 -13.64 -2.20
C ASN A 140 -11.21 -13.18 -3.27
N ILE A 141 -11.19 -11.89 -3.62
CA ILE A 141 -12.05 -11.40 -4.73
C ILE A 141 -11.66 -12.06 -6.05
N GLY A 142 -10.38 -12.17 -6.41
CA GLY A 142 -9.98 -12.80 -7.67
C GLY A 142 -10.40 -14.26 -7.67
N PHE A 143 -10.15 -14.94 -6.57
CA PHE A 143 -10.48 -16.36 -6.42
C PHE A 143 -11.99 -16.53 -6.57
N ALA A 144 -12.76 -15.71 -5.88
CA ALA A 144 -14.23 -15.88 -5.83
C ALA A 144 -14.85 -15.54 -7.17
N CYS A 145 -14.33 -14.55 -7.89
CA CYS A 145 -14.82 -14.18 -9.24
C CYS A 145 -14.63 -15.40 -10.12
N ALA A 146 -13.45 -16.00 -10.09
CA ALA A 146 -13.15 -17.19 -10.89
C ALA A 146 -14.11 -18.32 -10.50
N ALA A 147 -14.31 -18.53 -9.21
CA ALA A 147 -15.19 -19.60 -8.73
C ALA A 147 -16.61 -19.38 -9.26
N ALA A 148 -17.10 -18.13 -9.21
CA ALA A 148 -18.48 -17.83 -9.66
C ALA A 148 -18.62 -18.14 -11.16
N LEU A 149 -17.56 -17.96 -11.92
CA LEU A 149 -17.56 -18.25 -13.38
C LEU A 149 -17.42 -19.72 -13.67
N MET A 150 -16.63 -20.47 -12.89
CA MET A 150 -16.17 -21.82 -13.31
C MET A 150 -16.93 -22.93 -12.59
N LEU A 151 -17.50 -22.71 -11.41
CA LEU A 151 -18.19 -23.80 -10.69
C LEU A 151 -19.57 -24.08 -11.32
N ALA A 152 -20.01 -25.32 -11.20
CA ALA A 152 -21.36 -25.69 -11.67
C ALA A 152 -22.39 -24.94 -10.84
N PRO A 153 -23.65 -24.86 -11.28
CA PRO A 153 -24.67 -24.18 -10.50
C PRO A 153 -24.76 -24.74 -9.08
N GLY A 154 -25.02 -23.84 -8.13
CA GLY A 154 -25.00 -24.20 -6.71
C GLY A 154 -24.65 -22.97 -5.90
N VAL A 155 -24.54 -23.18 -4.60
CA VAL A 155 -24.17 -22.10 -3.66
C VAL A 155 -22.93 -22.59 -2.93
N TYR A 156 -21.93 -21.71 -2.86
CA TYR A 156 -20.59 -22.05 -2.39
C TYR A 156 -20.07 -20.91 -1.53
N ILE A 157 -19.18 -21.25 -0.61
CA ILE A 157 -18.29 -20.26 0.06
C ILE A 157 -16.87 -20.43 -0.52
N ALA A 158 -16.28 -19.34 -1.00
CA ALA A 158 -14.89 -19.39 -1.52
C ALA A 158 -14.04 -18.53 -0.59
N MET A 159 -13.20 -19.19 0.19
CA MET A 159 -12.31 -18.59 1.20
C MET A 159 -11.07 -19.48 1.31
N HIS A 160 -9.93 -18.91 1.69
CA HIS A 160 -8.71 -19.70 2.04
C HIS A 160 -8.23 -20.44 0.80
N GLY A 161 -8.51 -19.93 -0.41
CA GLY A 161 -8.07 -20.56 -1.67
C GLY A 161 -8.76 -21.89 -1.87
N LYS A 162 -9.99 -22.03 -1.39
CA LYS A 162 -10.76 -23.27 -1.63
C LYS A 162 -12.25 -23.01 -1.60
N VAL A 163 -12.98 -24.05 -1.97
CA VAL A 163 -14.45 -24.00 -2.11
C VAL A 163 -15.03 -24.86 -1.01
N PHE A 164 -15.96 -24.25 -0.29
CA PHE A 164 -16.70 -24.88 0.82
C PHE A 164 -18.14 -25.13 0.41
N ASP A 165 -18.64 -26.30 0.79
CA ASP A 165 -20.08 -26.68 0.74
C ASP A 165 -20.76 -26.14 1.99
N PRO A 166 -21.71 -25.18 1.88
CA PRO A 166 -22.27 -24.50 3.04
C PRO A 166 -22.89 -25.48 4.05
N ALA A 167 -23.51 -26.53 3.54
CA ALA A 167 -24.19 -27.53 4.40
C ALA A 167 -23.15 -28.31 5.22
N LYS A 168 -21.86 -28.31 4.85
CA LYS A 168 -20.83 -29.06 5.61
C LYS A 168 -19.67 -28.15 6.00
N THR A 169 -19.98 -26.91 6.34
CA THR A 169 -18.98 -25.90 6.72
C THR A 169 -19.41 -25.18 8.00
N ARG A 170 -18.44 -24.83 8.82
CA ARG A 170 -18.67 -23.91 9.95
C ARG A 170 -17.60 -22.83 9.94
N LYS A 171 -17.94 -21.69 10.48
CA LYS A 171 -16.96 -20.62 10.80
C LYS A 171 -16.38 -20.92 12.17
N ASN A 172 -15.08 -21.16 12.25
CA ASN A 172 -14.31 -21.17 13.51
C ASN A 172 -14.00 -19.73 13.93
N ARG A 173 -14.78 -19.14 14.84
CA ARG A 173 -14.59 -17.73 15.27
C ARG A 173 -13.17 -17.55 15.85
N GLY A 174 -12.74 -18.48 16.71
CA GLY A 174 -11.42 -18.48 17.35
C GLY A 174 -10.28 -18.39 16.35
N LEU A 175 -10.27 -19.25 15.33
CA LEU A 175 -9.13 -19.30 14.38
C LEU A 175 -9.33 -18.36 13.19
N GLY A 176 -10.49 -17.69 13.06
CA GLY A 176 -10.77 -16.83 11.90
C GLY A 176 -10.64 -17.63 10.62
N ARG A 177 -11.26 -18.80 10.59
CA ARG A 177 -11.26 -19.63 9.35
C ARG A 177 -12.54 -20.46 9.24
N PHE A 178 -12.96 -20.68 8.01
CA PHE A 178 -14.00 -21.67 7.67
C PHE A 178 -13.35 -23.03 7.74
N GLU A 179 -14.11 -23.99 8.22
CA GLU A 179 -13.58 -25.39 8.31
C GLU A 179 -14.68 -26.36 7.94
N PRO A 180 -14.30 -27.52 7.38
CA PRO A 180 -15.26 -28.59 7.09
C PRO A 180 -15.83 -29.17 8.40
N ILE A 181 -17.05 -29.69 8.30
CA ILE A 181 -17.59 -30.63 9.31
C ILE A 181 -17.36 -32.02 8.73
N ASP A 182 -16.47 -32.80 9.35
CA ASP A 182 -16.23 -34.23 9.00
C ASP A 182 -16.99 -35.08 10.02
N SER B 19 -7.41 -30.00 -4.02
CA SER B 19 -6.29 -30.70 -4.79
C SER B 19 -5.02 -29.87 -4.60
N PRO B 20 -3.82 -30.49 -4.56
CA PRO B 20 -2.57 -29.75 -4.37
C PRO B 20 -2.15 -28.92 -5.59
N LEU B 21 -1.79 -27.67 -5.38
CA LEU B 21 -1.40 -26.72 -6.45
C LEU B 21 0.09 -26.52 -6.39
N ARG B 22 0.75 -26.60 -7.53
CA ARG B 22 2.20 -26.26 -7.66
C ARG B 22 2.28 -24.98 -8.46
N ILE B 23 3.09 -24.04 -7.96
CA ILE B 23 3.28 -22.72 -8.60
C ILE B 23 4.71 -22.58 -9.02
N PHE B 24 4.91 -22.26 -10.29
CA PHE B 24 6.24 -22.00 -10.88
C PHE B 24 6.34 -20.53 -11.22
N THR B 25 7.51 -19.93 -10.98
CA THR B 25 7.72 -18.49 -11.25
C THR B 25 8.78 -18.36 -12.33
N ALA B 26 8.41 -17.73 -13.43
CA ALA B 26 9.32 -17.49 -14.58
C ALA B 26 9.60 -16.01 -14.76
N GLY B 27 9.26 -15.14 -13.81
CA GLY B 27 9.58 -13.72 -13.93
C GLY B 27 8.42 -12.90 -14.49
N GLY B 28 8.74 -11.83 -15.18
CA GLY B 28 7.75 -10.92 -15.76
C GLY B 28 7.54 -9.65 -14.93
N THR B 29 6.78 -8.74 -15.53
CA THR B 29 6.36 -7.45 -14.94
C THR B 29 5.78 -7.68 -13.55
N ILE B 30 4.99 -8.73 -13.40
CA ILE B 30 4.37 -9.00 -12.05
C ILE B 30 5.42 -8.90 -10.92
N ASP B 31 6.64 -9.36 -11.15
CA ASP B 31 7.67 -9.49 -10.12
C ASP B 31 8.68 -8.34 -10.13
N ALA B 32 8.44 -7.30 -10.89
CA ALA B 32 9.44 -6.23 -11.06
C ALA B 32 9.61 -5.55 -9.70
N ASP B 33 10.82 -5.08 -9.46
CA ASP B 33 11.08 -4.30 -8.24
C ASP B 33 12.17 -3.27 -8.53
N TYR B 34 12.19 -2.22 -7.71
CA TYR B 34 13.14 -1.11 -7.94
C TYR B 34 14.50 -1.49 -7.39
N ARG B 35 15.55 -1.16 -8.14
CA ARG B 35 16.94 -1.23 -7.64
C ARG B 35 17.63 0.12 -7.89
N LEU B 36 18.19 0.67 -6.82
CA LEU B 36 18.99 1.93 -6.88
C LEU B 36 20.09 1.79 -7.95
N GLU B 37 20.76 0.64 -7.99
CA GLU B 37 21.86 0.34 -8.95
C GLU B 37 21.43 0.55 -10.40
N GLU B 38 20.18 0.20 -10.71
CA GLU B 38 19.65 0.17 -12.10
C GLU B 38 18.97 1.49 -12.46
N ASN B 39 18.73 2.41 -11.51
CA ASN B 39 17.91 3.60 -11.76
C ASN B 39 16.58 3.12 -12.34
N GLY B 40 16.08 1.96 -11.91
CA GLY B 40 14.80 1.49 -12.44
C GLY B 40 14.47 0.06 -11.99
N LEU B 41 13.50 -0.52 -12.64
CA LEU B 41 12.97 -1.86 -12.26
C LEU B 41 13.86 -2.95 -12.81
N VAL B 42 13.96 -4.03 -12.03
CA VAL B 42 14.53 -5.34 -12.45
C VAL B 42 13.49 -6.41 -12.13
N VAL B 43 13.64 -7.61 -12.67
CA VAL B 43 12.76 -8.73 -12.22
C VAL B 43 13.22 -9.13 -10.84
N GLY B 44 12.35 -9.01 -9.85
CA GLY B 44 12.72 -9.25 -8.47
C GLY B 44 12.22 -10.59 -7.96
N ASP B 45 12.06 -10.70 -6.67
CA ASP B 45 11.49 -11.92 -6.03
C ASP B 45 10.05 -12.07 -6.48
N PRO B 46 9.58 -13.33 -6.52
CA PRO B 46 8.23 -13.62 -6.99
C PRO B 46 7.10 -13.00 -6.15
N PHE B 47 6.25 -12.22 -6.82
CA PHE B 47 5.20 -11.44 -6.12
C PHE B 47 4.12 -12.40 -5.63
N VAL B 48 3.95 -13.52 -6.32
CA VAL B 48 2.96 -14.56 -5.91
C VAL B 48 3.21 -14.99 -4.46
N ALA B 49 4.44 -15.05 -4.01
CA ALA B 49 4.74 -15.47 -2.62
C ALA B 49 4.26 -14.41 -1.64
N GLU B 50 4.30 -13.14 -2.01
CA GLU B 50 3.83 -12.04 -1.12
C GLU B 50 2.30 -12.13 -1.02
N VAL B 51 1.62 -12.39 -2.13
CA VAL B 51 0.14 -12.46 -2.14
C VAL B 51 -0.28 -13.68 -1.30
N LEU B 52 0.34 -14.82 -1.49
CA LEU B 52 -0.13 -16.05 -0.79
C LEU B 52 0.18 -15.96 0.71
N LYS B 53 1.19 -15.24 1.09
CA LYS B 53 1.56 -15.04 2.51
C LYS B 53 0.38 -14.52 3.32
N THR B 54 -0.47 -13.66 2.76
CA THR B 54 -1.64 -13.08 3.49
C THR B 54 -2.97 -13.71 3.04
N ALA B 55 -2.95 -14.74 2.20
CA ALA B 55 -4.20 -15.33 1.65
C ALA B 55 -4.84 -16.31 2.65
N ARG B 56 -4.18 -16.66 3.75
CA ARG B 56 -4.81 -17.54 4.76
C ARG B 56 -5.24 -18.86 4.12
N LEU B 57 -4.35 -19.49 3.37
CA LEU B 57 -4.69 -20.68 2.58
C LEU B 57 -5.01 -21.88 3.50
N ALA B 58 -6.00 -22.67 3.10
CA ALA B 58 -6.35 -23.94 3.80
C ALA B 58 -5.57 -25.10 3.22
N GLY B 59 -5.25 -25.03 1.94
CA GLY B 59 -4.88 -26.16 1.09
C GLY B 59 -3.39 -26.28 0.94
N ALA B 60 -2.98 -27.33 0.22
CA ALA B 60 -1.58 -27.66 -0.09
C ALA B 60 -1.15 -26.81 -1.28
N VAL B 61 -0.20 -25.93 -1.05
CA VAL B 61 0.35 -25.09 -2.15
C VAL B 61 1.85 -24.99 -1.96
N SER B 62 2.64 -25.16 -3.03
CA SER B 62 4.10 -24.91 -2.97
C SER B 62 4.59 -24.14 -4.20
N ILE B 63 5.65 -23.38 -4.02
CA ILE B 63 6.19 -22.43 -5.03
C ILE B 63 7.62 -22.85 -5.35
N VAL B 64 7.93 -22.86 -6.64
CA VAL B 64 9.27 -23.13 -7.23
C VAL B 64 9.70 -22.02 -8.18
N ALA B 65 10.90 -21.48 -7.96
CA ALA B 65 11.55 -20.49 -8.84
C ALA B 65 12.12 -21.21 -10.07
N LEU B 66 11.79 -20.72 -11.23
CA LEU B 66 12.30 -21.23 -12.53
C LEU B 66 13.21 -20.19 -13.17
N SER B 67 12.76 -18.95 -13.30
CA SER B 67 13.49 -17.94 -14.08
C SER B 67 13.18 -16.56 -13.55
N ARG B 68 14.01 -15.59 -13.91
CA ARG B 68 13.74 -14.17 -13.58
C ARG B 68 13.95 -13.34 -14.84
N LYS B 69 13.44 -13.78 -15.98
CA LYS B 69 13.60 -13.02 -17.25
C LYS B 69 12.36 -12.16 -17.54
N ASP B 70 12.60 -11.08 -18.26
CA ASP B 70 11.57 -10.46 -19.12
C ASP B 70 11.27 -11.54 -20.16
N SER B 71 9.98 -11.85 -20.35
CA SER B 71 9.56 -12.94 -21.25
C SER B 71 10.07 -12.67 -22.67
N LEU B 72 10.37 -11.40 -22.98
CA LEU B 72 10.91 -10.97 -24.31
C LEU B 72 12.18 -11.74 -24.67
N ASP B 73 13.00 -12.13 -23.69
CA ASP B 73 14.32 -12.79 -23.87
C ASP B 73 14.19 -14.31 -23.87
N PHE B 74 12.97 -14.85 -23.81
CA PHE B 74 12.74 -16.31 -23.83
C PHE B 74 13.01 -16.87 -25.23
N THR B 75 13.81 -17.93 -25.28
CA THR B 75 14.05 -18.72 -26.51
C THR B 75 13.27 -20.03 -26.46
N GLU B 76 13.37 -20.81 -27.53
CA GLU B 76 12.75 -22.15 -27.63
C GLU B 76 13.30 -23.02 -26.50
N ALA B 77 14.60 -22.92 -26.21
CA ALA B 77 15.28 -23.69 -25.13
C ALA B 77 14.74 -23.28 -23.76
N ASP B 78 14.45 -21.99 -23.57
CA ASP B 78 13.84 -21.51 -22.32
C ASP B 78 12.50 -22.23 -22.17
N ARG B 79 11.62 -22.10 -23.16
CA ARG B 79 10.28 -22.76 -23.06
C ARG B 79 10.47 -24.26 -22.79
N GLU B 80 11.45 -24.89 -23.42
CA GLU B 80 11.69 -26.34 -23.24
C GLU B 80 12.02 -26.65 -21.78
N ALA B 81 12.87 -25.87 -21.14
CA ALA B 81 13.26 -26.04 -19.73
C ALA B 81 12.00 -25.92 -18.86
N ILE B 82 11.12 -25.00 -19.23
CA ILE B 82 9.88 -24.74 -18.47
C ILE B 82 9.00 -25.98 -18.59
N GLY B 83 8.86 -26.52 -19.80
CA GLY B 83 8.11 -27.75 -19.99
C GLY B 83 8.67 -28.88 -19.15
N ARG B 84 9.98 -29.04 -19.08
CA ARG B 84 10.53 -30.20 -18.32
C ARG B 84 10.30 -29.98 -16.83
N ALA B 85 10.37 -28.73 -16.37
CA ALA B 85 10.13 -28.45 -14.95
C ALA B 85 8.68 -28.78 -14.59
N VAL B 86 7.72 -28.35 -15.42
CA VAL B 86 6.30 -28.67 -15.17
C VAL B 86 6.12 -30.21 -15.20
N GLY B 87 6.86 -30.89 -16.07
CA GLY B 87 6.80 -32.36 -16.16
C GLY B 87 7.42 -33.03 -14.94
N GLN B 88 8.23 -32.32 -14.16
CA GLN B 88 8.84 -32.87 -12.92
C GLN B 88 7.82 -32.84 -11.78
N ALA B 89 6.70 -32.11 -11.94
CA ALA B 89 5.72 -31.97 -10.86
C ALA B 89 4.71 -33.09 -10.97
N VAL B 90 4.52 -33.76 -9.88
CA VAL B 90 3.48 -34.81 -9.83
C VAL B 90 2.09 -34.16 -9.77
N GLU B 91 2.01 -32.93 -9.27
CA GLU B 91 0.71 -32.21 -9.11
C GLU B 91 -0.02 -32.07 -10.43
N ASP B 92 -1.35 -32.07 -10.39
CA ASP B 92 -2.14 -31.98 -11.64
C ASP B 92 -2.70 -30.56 -11.81
N HIS B 93 -2.46 -29.67 -10.85
CA HIS B 93 -2.95 -28.26 -10.86
C HIS B 93 -1.72 -27.38 -10.80
N ILE B 94 -1.46 -26.63 -11.85
CA ILE B 94 -0.20 -25.87 -12.04
C ILE B 94 -0.57 -24.41 -12.35
N LEU B 95 0.08 -23.50 -11.64
CA LEU B 95 0.05 -22.07 -11.97
C LEU B 95 1.46 -21.63 -12.36
N LEU B 96 1.62 -20.97 -13.49
CA LEU B 96 2.93 -20.44 -13.92
C LEU B 96 2.79 -18.93 -14.02
N THR B 97 3.48 -18.19 -13.14
CA THR B 97 3.54 -16.72 -13.27
C THR B 97 4.66 -16.37 -14.26
N HIS B 98 4.43 -15.33 -15.07
CA HIS B 98 5.22 -15.18 -16.32
C HIS B 98 5.03 -13.76 -16.85
N GLY B 99 5.98 -13.28 -17.62
CA GLY B 99 5.79 -12.06 -18.40
C GLY B 99 4.66 -12.19 -19.38
N THR B 100 3.97 -11.10 -19.67
CA THR B 100 2.86 -11.10 -20.63
C THR B 100 3.33 -11.09 -22.09
N ASP B 101 4.54 -10.64 -22.36
CA ASP B 101 4.94 -10.36 -23.79
C ASP B 101 5.06 -11.68 -24.58
N THR B 102 5.54 -12.78 -23.98
CA THR B 102 5.60 -14.11 -24.67
C THR B 102 4.85 -15.19 -23.89
N MET B 103 3.91 -14.79 -23.02
CA MET B 103 2.99 -15.75 -22.36
C MET B 103 2.30 -16.65 -23.39
N VAL B 104 1.81 -16.10 -24.50
CA VAL B 104 1.13 -16.94 -25.53
C VAL B 104 2.11 -18.00 -26.09
N GLU B 105 3.33 -17.64 -26.42
CA GLU B 105 4.36 -18.59 -26.96
C GLU B 105 4.59 -19.71 -25.95
N THR B 106 4.77 -19.38 -24.67
CA THR B 106 5.03 -20.43 -23.68
C THR B 106 3.78 -21.31 -23.56
N ALA B 107 2.59 -20.73 -23.46
CA ALA B 107 1.32 -21.47 -23.30
C ALA B 107 1.11 -22.40 -24.49
N ARG B 108 1.30 -21.90 -25.70
CA ARG B 108 1.18 -22.75 -26.93
C ARG B 108 2.16 -23.90 -26.86
N TYR B 109 3.41 -23.67 -26.47
CA TYR B 109 4.43 -24.74 -26.41
C TYR B 109 3.98 -25.81 -25.42
N LEU B 110 3.58 -25.41 -24.21
CA LEU B 110 3.18 -26.40 -23.18
C LEU B 110 1.95 -27.19 -23.62
N GLY B 111 1.03 -26.61 -24.37
CA GLY B 111 -0.20 -27.24 -24.83
C GLY B 111 0.09 -28.34 -25.84
N GLY B 112 1.29 -28.36 -26.39
CA GLY B 112 1.72 -29.40 -27.35
C GLY B 112 2.44 -30.58 -26.72
N LEU B 113 2.69 -30.58 -25.40
CA LEU B 113 3.50 -31.62 -24.69
C LEU B 113 2.59 -32.72 -24.17
N PRO B 114 2.62 -33.93 -24.77
CA PRO B 114 1.74 -35.00 -24.31
C PRO B 114 1.89 -35.33 -22.82
N GLU B 115 3.09 -35.21 -22.28
CA GLU B 115 3.36 -35.59 -20.88
C GLU B 115 2.56 -34.71 -19.92
N LEU B 116 2.09 -33.52 -20.34
CA LEU B 116 1.28 -32.60 -19.48
C LEU B 116 -0.22 -32.73 -19.76
N ALA B 117 -0.69 -33.69 -20.57
CA ALA B 117 -2.10 -33.76 -21.00
C ALA B 117 -3.09 -33.87 -19.84
N GLY B 118 -2.73 -34.57 -18.77
CA GLY B 118 -3.53 -34.75 -17.54
C GLY B 118 -3.60 -33.52 -16.63
N LYS B 119 -2.77 -32.51 -16.86
CA LYS B 119 -2.60 -31.36 -15.93
C LYS B 119 -3.49 -30.21 -16.39
N THR B 120 -3.95 -29.44 -15.43
CA THR B 120 -4.52 -28.10 -15.66
C THR B 120 -3.39 -27.11 -15.42
N VAL B 121 -2.96 -26.43 -16.47
CA VAL B 121 -1.79 -25.52 -16.44
C VAL B 121 -2.32 -24.13 -16.82
N VAL B 122 -2.22 -23.21 -15.87
CA VAL B 122 -2.74 -21.82 -16.03
C VAL B 122 -1.53 -20.88 -15.96
N LEU B 123 -1.38 -20.05 -16.99
CA LEU B 123 -0.37 -18.98 -16.97
C LEU B 123 -1.07 -17.66 -16.61
N SER B 124 -0.38 -16.86 -15.80
CA SER B 124 -0.89 -15.53 -15.42
C SER B 124 0.29 -14.64 -15.12
N GLY B 125 -0.03 -13.38 -14.83
CA GLY B 125 0.99 -12.39 -14.53
C GLY B 125 0.31 -11.10 -14.22
N ALA B 126 0.87 -9.97 -14.67
CA ALA B 126 0.26 -8.67 -14.38
C ALA B 126 0.81 -7.63 -15.33
N MET B 127 -0.03 -6.72 -15.76
CA MET B 127 0.36 -5.62 -16.69
C MET B 127 1.11 -4.55 -15.91
N VAL B 128 0.85 -4.44 -14.59
CA VAL B 128 1.52 -3.49 -13.66
C VAL B 128 2.21 -4.32 -12.57
N PRO B 129 3.46 -4.04 -12.22
CA PRO B 129 4.15 -4.80 -11.18
C PRO B 129 3.38 -4.83 -9.85
N GLY B 130 3.33 -6.01 -9.21
CA GLY B 130 2.69 -6.08 -7.89
C GLY B 130 3.22 -5.09 -6.88
N ARG B 131 4.50 -4.71 -6.96
CA ARG B 131 5.08 -3.73 -6.00
C ARG B 131 4.91 -2.27 -6.43
N VAL B 132 4.16 -2.02 -7.48
CA VAL B 132 3.78 -0.66 -7.92
C VAL B 132 2.30 -0.44 -7.58
N GLY B 133 1.95 0.79 -7.17
CA GLY B 133 0.55 1.09 -6.84
C GLY B 133 -0.37 0.88 -8.03
N GLY B 134 -1.58 0.40 -7.77
CA GLY B 134 -2.60 0.27 -8.82
C GLY B 134 -2.42 -0.99 -9.64
N SER B 135 -1.86 -2.03 -9.04
CA SER B 135 -1.53 -3.28 -9.80
C SER B 135 -2.73 -4.23 -9.86
N ASP B 136 -2.88 -4.94 -10.98
CA ASP B 136 -3.84 -6.06 -11.18
C ASP B 136 -3.30 -7.37 -10.59
N ALA B 137 -2.06 -7.40 -10.07
CA ALA B 137 -1.38 -8.65 -9.68
C ALA B 137 -2.19 -9.48 -8.66
N ALA B 138 -2.62 -8.93 -7.54
CA ALA B 138 -3.23 -9.74 -6.48
C ALA B 138 -4.52 -10.36 -6.97
N PHE B 139 -5.37 -9.57 -7.65
CA PHE B 139 -6.61 -10.07 -8.25
C PHE B 139 -6.23 -11.21 -9.22
N ASN B 140 -5.24 -11.00 -10.09
CA ASN B 140 -4.89 -11.98 -11.14
C ASN B 140 -4.46 -13.28 -10.47
N ILE B 141 -3.72 -13.18 -9.37
CA ILE B 141 -3.23 -14.39 -8.67
CA ILE B 141 -3.22 -14.38 -8.64
C ILE B 141 -4.43 -15.15 -8.07
N GLY B 142 -5.33 -14.47 -7.39
CA GLY B 142 -6.50 -15.18 -6.88
C GLY B 142 -7.26 -15.90 -7.98
N PHE B 143 -7.55 -15.14 -9.04
CA PHE B 143 -8.33 -15.66 -10.19
C PHE B 143 -7.62 -16.85 -10.83
N ALA B 144 -6.32 -16.78 -11.00
CA ALA B 144 -5.52 -17.84 -11.65
C ALA B 144 -5.38 -19.09 -10.78
N CYS B 145 -5.28 -18.92 -9.46
CA CYS B 145 -5.21 -20.07 -8.53
C CYS B 145 -6.52 -20.84 -8.61
N ALA B 146 -7.65 -20.15 -8.63
CA ALA B 146 -8.97 -20.78 -8.80
C ALA B 146 -9.01 -21.50 -10.14
N ALA B 147 -8.58 -20.81 -11.19
CA ALA B 147 -8.62 -21.39 -12.55
C ALA B 147 -7.81 -22.70 -12.54
N ALA B 148 -6.60 -22.70 -11.96
CA ALA B 148 -5.71 -23.89 -11.96
C ALA B 148 -6.40 -25.03 -11.26
N LEU B 149 -7.18 -24.74 -10.24
CA LEU B 149 -7.89 -25.78 -9.46
C LEU B 149 -9.19 -26.21 -10.13
N MET B 150 -9.85 -25.37 -10.91
CA MET B 150 -11.24 -25.61 -11.34
C MET B 150 -11.37 -26.04 -12.80
N LEU B 151 -10.45 -25.66 -13.68
CA LEU B 151 -10.56 -25.93 -15.14
C LEU B 151 -10.19 -27.39 -15.40
N ALA B 152 -10.78 -27.94 -16.47
CA ALA B 152 -10.43 -29.27 -17.01
C ALA B 152 -8.97 -29.25 -17.42
N PRO B 153 -8.33 -30.41 -17.50
CA PRO B 153 -6.99 -30.48 -18.06
C PRO B 153 -6.87 -29.70 -19.37
N GLY B 154 -5.71 -29.08 -19.54
CA GLY B 154 -5.48 -28.18 -20.67
C GLY B 154 -4.48 -27.12 -20.28
N VAL B 155 -4.22 -26.22 -21.18
CA VAL B 155 -3.33 -25.07 -20.90
C VAL B 155 -4.13 -23.83 -21.20
N TYR B 156 -4.03 -22.85 -20.33
CA TYR B 156 -4.90 -21.67 -20.36
C TYR B 156 -4.08 -20.45 -19.96
N ILE B 157 -4.54 -19.28 -20.41
CA ILE B 157 -4.09 -17.97 -19.86
C ILE B 157 -5.24 -17.36 -19.09
N ALA B 158 -5.05 -17.01 -17.81
CA ALA B 158 -6.08 -16.36 -17.00
C ALA B 158 -5.65 -14.91 -16.76
N MET B 159 -6.34 -13.97 -17.38
CA MET B 159 -5.98 -12.52 -17.30
C MET B 159 -7.25 -11.72 -17.58
N HIS B 160 -7.39 -10.49 -17.06
CA HIS B 160 -8.60 -9.64 -17.34
C HIS B 160 -9.87 -10.30 -16.82
N GLY B 161 -9.74 -11.16 -15.80
CA GLY B 161 -10.92 -11.82 -15.21
C GLY B 161 -11.61 -12.75 -16.17
N LYS B 162 -10.87 -13.36 -17.05
CA LYS B 162 -11.44 -14.41 -17.91
C LYS B 162 -10.37 -15.37 -18.34
N VAL B 163 -10.77 -16.41 -19.09
CA VAL B 163 -9.86 -17.51 -19.49
C VAL B 163 -9.71 -17.47 -21.01
N PHE B 164 -8.49 -17.42 -21.45
CA PHE B 164 -8.10 -17.42 -22.88
C PHE B 164 -7.56 -18.80 -23.27
N ASP B 165 -7.89 -19.20 -24.52
CA ASP B 165 -7.32 -20.41 -25.17
C ASP B 165 -6.06 -19.97 -25.92
N PRO B 166 -4.87 -20.44 -25.54
CA PRO B 166 -3.62 -19.92 -26.10
C PRO B 166 -3.50 -19.96 -27.63
N ALA B 167 -4.03 -21.02 -28.23
CA ALA B 167 -3.99 -21.19 -29.71
C ALA B 167 -4.74 -20.02 -30.39
N LYS B 168 -5.74 -19.45 -29.71
CA LYS B 168 -6.69 -18.45 -30.31
C LYS B 168 -6.53 -17.08 -29.62
N THR B 169 -5.37 -16.82 -29.03
CA THR B 169 -5.12 -15.58 -28.27
C THR B 169 -3.87 -14.85 -28.78
N ARG B 170 -3.90 -13.52 -28.71
CA ARG B 170 -2.68 -12.72 -28.86
C ARG B 170 -2.69 -11.63 -27.78
N LYS B 171 -1.51 -11.15 -27.47
CA LYS B 171 -1.36 -9.89 -26.69
C LYS B 171 -1.45 -8.70 -27.66
N ASN B 172 -2.48 -7.86 -27.53
CA ASN B 172 -2.66 -6.61 -28.34
C ASN B 172 -2.00 -5.47 -27.59
N ARG B 173 -0.77 -5.06 -27.92
CA ARG B 173 -0.07 -4.02 -27.13
C ARG B 173 -0.78 -2.66 -27.28
N GLY B 174 -1.46 -2.40 -28.39
CA GLY B 174 -2.21 -1.14 -28.55
C GLY B 174 -3.35 -1.02 -27.54
N LEU B 175 -4.04 -2.13 -27.29
CA LEU B 175 -5.19 -2.24 -26.37
C LEU B 175 -4.67 -2.31 -24.94
N GLY B 176 -3.48 -2.90 -24.72
CA GLY B 176 -2.94 -3.21 -23.38
C GLY B 176 -3.62 -4.45 -22.77
N ARG B 177 -4.22 -5.31 -23.60
CA ARG B 177 -4.93 -6.53 -23.13
C ARG B 177 -4.62 -7.71 -24.06
N PHE B 178 -4.68 -8.94 -23.52
CA PHE B 178 -4.90 -10.14 -24.35
C PHE B 178 -6.27 -10.03 -25.00
N GLU B 179 -6.38 -10.59 -26.21
CA GLU B 179 -7.65 -10.64 -26.95
C GLU B 179 -7.66 -11.89 -27.81
N PRO B 180 -8.86 -12.40 -28.10
CA PRO B 180 -9.02 -13.49 -29.05
C PRO B 180 -8.61 -13.06 -30.46
N ILE B 181 -8.10 -14.00 -31.28
CA ILE B 181 -7.56 -13.76 -32.65
C ILE B 181 -8.70 -13.57 -33.68
N PRO C 18 1.66 27.85 10.65
CA PRO C 18 2.93 27.90 9.85
C PRO C 18 2.96 29.00 8.78
N SER C 19 4.17 29.49 8.41
CA SER C 19 4.41 30.42 7.26
C SER C 19 3.94 29.76 5.97
N PRO C 20 3.55 30.49 4.91
CA PRO C 20 3.14 29.86 3.67
C PRO C 20 4.33 29.16 2.98
N LEU C 21 4.05 27.96 2.52
CA LEU C 21 5.04 27.05 1.91
C LEU C 21 4.71 26.92 0.44
N ARG C 22 5.70 27.12 -0.42
CA ARG C 22 5.56 26.85 -1.87
C ARG C 22 6.39 25.62 -2.21
N ILE C 23 5.78 24.70 -2.94
CA ILE C 23 6.45 23.46 -3.38
C ILE C 23 6.54 23.44 -4.89
N PHE C 24 7.76 23.29 -5.36
CA PHE C 24 8.06 23.15 -6.79
C PHE C 24 8.44 21.71 -7.06
N THR C 25 7.95 21.17 -8.17
CA THR C 25 8.23 19.78 -8.53
C THR C 25 9.05 19.76 -9.83
N ALA C 26 10.23 19.16 -9.75
CA ALA C 26 11.20 19.09 -10.86
C ALA C 26 11.41 17.66 -11.33
N GLY C 27 10.68 16.69 -10.81
CA GLY C 27 10.80 15.30 -11.27
C GLY C 27 11.61 14.43 -10.30
N GLY C 28 12.28 13.43 -10.84
CA GLY C 28 13.09 12.48 -10.06
C GLY C 28 12.38 11.17 -9.76
N THR C 29 13.16 10.25 -9.23
CA THR C 29 12.69 8.90 -8.85
C THR C 29 11.47 9.02 -7.97
N ILE C 30 11.42 10.01 -7.08
CA ILE C 30 10.27 10.11 -6.13
C ILE C 30 8.95 10.02 -6.92
N ASP C 31 8.90 10.58 -8.15
CA ASP C 31 7.68 10.71 -8.97
C ASP C 31 7.53 9.63 -10.02
N ALA C 32 8.39 8.62 -10.03
CA ALA C 32 8.39 7.59 -11.08
C ALA C 32 7.04 6.85 -11.05
N ASP C 33 6.55 6.44 -12.21
CA ASP C 33 5.34 5.61 -12.26
C ASP C 33 5.44 4.66 -13.45
N TYR C 34 4.73 3.56 -13.35
CA TYR C 34 4.82 2.51 -14.37
C TYR C 34 3.94 2.87 -15.57
N ARG C 35 4.46 2.67 -16.80
CA ARG C 35 3.70 2.84 -18.06
C ARG C 35 3.90 1.59 -18.95
N LEU C 36 2.79 0.96 -19.29
CA LEU C 36 2.77 -0.25 -20.13
C LEU C 36 3.56 -0.01 -21.41
N GLU C 37 3.36 1.16 -22.02
CA GLU C 37 3.94 1.55 -23.33
C GLU C 37 5.46 1.52 -23.21
N GLU C 38 5.99 1.89 -22.04
CA GLU C 38 7.44 1.98 -21.79
C GLU C 38 7.99 0.65 -21.30
N ASN C 39 7.13 -0.30 -20.90
CA ASN C 39 7.63 -1.53 -20.25
C ASN C 39 8.50 -1.13 -19.05
N GLY C 40 8.11 -0.07 -18.31
CA GLY C 40 8.96 0.42 -17.21
C GLY C 40 8.50 1.75 -16.66
N LEU C 41 9.32 2.33 -15.81
CA LEU C 41 9.02 3.58 -15.08
C LEU C 41 9.33 4.77 -15.96
N VAL C 42 8.44 5.74 -15.87
CA VAL C 42 8.69 7.13 -16.35
C VAL C 42 8.52 8.09 -15.16
N VAL C 43 8.94 9.31 -15.37
CA VAL C 43 8.64 10.34 -14.35
C VAL C 43 7.19 10.72 -14.52
N GLY C 44 6.41 10.51 -13.49
CA GLY C 44 4.97 10.67 -13.56
C GLY C 44 4.49 11.94 -12.92
N ASP C 45 3.26 11.93 -12.46
CA ASP C 45 2.70 13.06 -11.68
C ASP C 45 3.45 13.19 -10.36
N PRO C 46 3.52 14.42 -9.79
CA PRO C 46 4.27 14.64 -8.55
C PRO C 46 3.75 13.90 -7.32
N PHE C 47 4.61 13.10 -6.71
CA PHE C 47 4.19 12.23 -5.59
C PHE C 47 3.88 13.10 -4.36
N VAL C 48 4.50 14.27 -4.26
CA VAL C 48 4.27 15.15 -3.09
C VAL C 48 2.79 15.48 -3.01
N ALA C 49 2.09 15.63 -4.14
CA ALA C 49 0.66 15.95 -4.10
C ALA C 49 -0.14 14.80 -3.52
N GLU C 50 0.30 13.55 -3.70
CA GLU C 50 -0.40 12.37 -3.13
C GLU C 50 -0.20 12.37 -1.62
N VAL C 51 1.00 12.69 -1.17
CA VAL C 51 1.25 12.66 0.30
C VAL C 51 0.46 13.77 0.99
N LEU C 52 0.49 14.95 0.42
CA LEU C 52 -0.17 16.09 1.11
C LEU C 52 -1.69 15.96 1.07
N LYS C 53 -2.23 15.20 0.15
CA LYS C 53 -3.70 15.01 0.02
C LYS C 53 -4.26 14.41 1.31
N THR C 54 -3.51 13.55 1.99
CA THR C 54 -3.95 12.86 3.23
C THR C 54 -3.27 13.46 4.47
N ALA C 55 -2.53 14.55 4.37
CA ALA C 55 -1.74 15.09 5.49
C ALA C 55 -2.62 15.95 6.41
N ARG C 56 -3.88 16.22 6.03
CA ARG C 56 -4.79 17.03 6.90
C ARG C 56 -4.13 18.36 7.27
N LEU C 57 -3.54 19.07 6.32
CA LEU C 57 -2.80 20.32 6.58
C LEU C 57 -3.66 21.42 7.15
N ALA C 58 -3.11 22.17 8.10
CA ALA C 58 -3.79 23.34 8.69
C ALA C 58 -3.46 24.59 7.89
N GLY C 59 -2.24 24.70 7.36
CA GLY C 59 -1.65 25.95 6.86
C GLY C 59 -1.82 26.11 5.34
N ALA C 60 -1.17 27.16 4.83
CA ALA C 60 -1.23 27.51 3.41
C ALA C 60 -0.06 26.83 2.71
N VAL C 61 -0.38 25.95 1.79
CA VAL C 61 0.64 25.23 0.97
C VAL C 61 0.16 25.19 -0.47
N SER C 62 1.04 25.42 -1.42
CA SER C 62 0.69 25.31 -2.85
C SER C 62 1.83 24.64 -3.60
N ILE C 63 1.48 23.91 -4.61
CA ILE C 63 2.39 23.05 -5.41
C ILE C 63 2.34 23.53 -6.84
N VAL C 64 3.51 23.70 -7.41
CA VAL C 64 3.77 24.18 -8.79
C VAL C 64 4.65 23.18 -9.52
N ALA C 65 4.21 22.76 -10.71
CA ALA C 65 4.99 21.86 -11.56
C ALA C 65 6.03 22.65 -12.35
N LEU C 66 7.30 22.27 -12.28
CA LEU C 66 8.39 22.89 -13.05
C LEU C 66 8.82 22.01 -14.20
N SER C 67 9.09 20.73 -13.92
CA SER C 67 9.78 19.81 -14.85
C SER C 67 9.34 18.39 -14.52
N ARG C 68 9.34 17.52 -15.50
CA ARG C 68 9.17 16.06 -15.25
C ARG C 68 10.38 15.32 -15.76
N LYS C 69 11.56 15.72 -15.34
CA LYS C 69 12.79 15.10 -15.88
C LYS C 69 13.46 14.22 -14.83
N ASP C 70 14.24 13.25 -15.31
CA ASP C 70 15.33 12.62 -14.52
C ASP C 70 16.41 13.69 -14.41
N SER C 71 16.87 13.92 -13.18
CA SER C 71 17.85 14.97 -12.89
C SER C 71 19.19 14.72 -13.63
N LEU C 72 19.49 13.49 -14.06
CA LEU C 72 20.74 13.22 -14.85
C LEU C 72 20.71 14.09 -16.12
N ASP C 73 19.51 14.40 -16.65
CA ASP C 73 19.29 15.09 -17.96
C ASP C 73 19.20 16.61 -17.82
N PHE C 74 19.42 17.20 -16.65
CA PHE C 74 19.40 18.67 -16.41
C PHE C 74 20.70 19.33 -16.89
N THR C 75 20.56 20.50 -17.55
CA THR C 75 21.65 21.35 -18.08
C THR C 75 21.83 22.58 -17.20
N GLU C 76 22.88 23.33 -17.45
CA GLU C 76 23.12 24.55 -16.68
C GLU C 76 21.91 25.47 -16.95
N ALA C 77 21.41 25.46 -18.18
CA ALA C 77 20.20 26.21 -18.58
C ALA C 77 19.02 25.81 -17.68
N ASP C 78 18.85 24.51 -17.43
CA ASP C 78 17.73 23.99 -16.59
C ASP C 78 17.87 24.54 -15.16
N ARG C 79 19.05 24.43 -14.59
CA ARG C 79 19.29 24.95 -13.23
C ARG C 79 18.99 26.44 -13.18
N GLU C 80 19.41 27.19 -14.20
CA GLU C 80 19.16 28.64 -14.24
C GLU C 80 17.64 28.88 -14.23
N ALA C 81 16.91 28.12 -15.00
CA ALA C 81 15.43 28.26 -15.09
C ALA C 81 14.82 27.96 -13.71
N ILE C 82 15.34 26.94 -13.03
CA ILE C 82 14.83 26.59 -11.67
C ILE C 82 15.08 27.75 -10.72
N GLY C 83 16.26 28.39 -10.77
CA GLY C 83 16.52 29.51 -9.87
C GLY C 83 15.55 30.65 -10.15
N ARG C 84 15.26 30.92 -11.42
CA ARG C 84 14.40 32.12 -11.71
C ARG C 84 12.99 31.78 -11.25
N ALA C 85 12.57 30.54 -11.45
CA ALA C 85 11.23 30.09 -11.03
C ALA C 85 11.08 30.25 -9.52
N VAL C 86 12.06 29.76 -8.75
CA VAL C 86 12.01 29.92 -7.28
C VAL C 86 11.94 31.41 -6.92
N GLY C 87 12.66 32.27 -7.63
CA GLY C 87 12.62 33.72 -7.37
C GLY C 87 11.27 34.34 -7.72
N GLN C 88 10.44 33.68 -8.52
CA GLN C 88 9.08 34.16 -8.84
C GLN C 88 8.16 33.99 -7.63
N ALA C 89 8.53 33.14 -6.66
CA ALA C 89 7.64 32.93 -5.52
C ALA C 89 7.90 34.02 -4.49
N VAL C 90 6.84 34.60 -4.00
CA VAL C 90 6.97 35.62 -2.93
C VAL C 90 7.13 34.86 -1.61
N GLU C 91 6.78 33.59 -1.56
CA GLU C 91 6.92 32.78 -0.32
C GLU C 91 8.39 32.72 0.08
N ASP C 92 8.66 32.70 1.39
CA ASP C 92 10.06 32.65 1.88
C ASP C 92 10.45 31.22 2.26
N HIS C 93 9.52 30.29 2.20
CA HIS C 93 9.74 28.86 2.57
C HIS C 93 9.39 28.04 1.35
N ILE C 94 10.40 27.34 0.84
CA ILE C 94 10.36 26.66 -0.47
C ILE C 94 10.82 25.21 -0.30
N LEU C 95 10.05 24.29 -0.84
CA LEU C 95 10.48 22.88 -1.05
C LEU C 95 10.55 22.59 -2.52
N LEU C 96 11.69 22.04 -2.96
CA LEU C 96 11.86 21.60 -4.35
C LEU C 96 12.06 20.10 -4.37
N THR C 97 11.08 19.34 -4.91
CA THR C 97 11.26 17.88 -5.08
C THR C 97 11.97 17.64 -6.40
N HIS C 98 12.92 16.73 -6.42
CA HIS C 98 13.98 16.71 -7.45
C HIS C 98 14.63 15.33 -7.47
N GLY C 99 15.19 14.94 -8.61
CA GLY C 99 15.99 13.71 -8.65
C GLY C 99 17.21 13.83 -7.77
N THR C 100 17.69 12.72 -7.22
CA THR C 100 18.87 12.72 -6.35
C THR C 100 20.19 12.81 -7.13
N ASP C 101 20.21 12.43 -8.40
CA ASP C 101 21.51 12.26 -9.13
C ASP C 101 22.16 13.64 -9.31
N THR C 102 21.43 14.72 -9.56
CA THR C 102 22.06 16.08 -9.62
C THR C 102 21.43 17.06 -8.63
N MET C 103 20.85 16.55 -7.55
CA MET C 103 20.35 17.42 -6.46
C MET C 103 21.46 18.33 -5.95
N VAL C 104 22.66 17.78 -5.72
CA VAL C 104 23.76 18.61 -5.18
C VAL C 104 24.05 19.77 -6.15
N GLU C 105 24.14 19.51 -7.44
CA GLU C 105 24.43 20.59 -8.45
C GLU C 105 23.35 21.66 -8.42
N THR C 106 22.08 21.27 -8.40
CA THR C 106 21.01 22.26 -8.35
C THR C 106 21.17 23.06 -7.06
N ALA C 107 21.32 22.40 -5.90
CA ALA C 107 21.35 23.07 -4.60
C ALA C 107 22.52 24.07 -4.55
N ARG C 108 23.71 23.61 -4.94
CA ARG C 108 24.89 24.50 -4.97
C ARG C 108 24.60 25.70 -5.85
N TYR C 109 24.03 25.47 -7.03
CA TYR C 109 23.68 26.58 -7.97
C TYR C 109 22.76 27.59 -7.29
N LEU C 110 21.66 27.14 -6.68
CA LEU C 110 20.72 28.04 -5.98
C LEU C 110 21.38 28.77 -4.81
N GLY C 111 22.28 28.11 -4.10
CA GLY C 111 22.99 28.69 -2.95
C GLY C 111 23.83 29.89 -3.37
N GLY C 112 24.10 30.01 -4.65
CA GLY C 112 24.94 31.08 -5.18
C GLY C 112 24.13 32.28 -5.65
N LEU C 113 22.80 32.22 -5.63
CA LEU C 113 21.93 33.29 -6.21
C LEU C 113 21.55 34.30 -5.15
N PRO C 114 22.08 35.53 -5.23
CA PRO C 114 21.72 36.54 -4.25
C PRO C 114 20.20 36.75 -4.14
N GLU C 115 19.45 36.64 -5.24
CA GLU C 115 17.98 36.93 -5.23
C GLU C 115 17.29 35.99 -4.23
N LEU C 116 17.86 34.83 -3.88
CA LEU C 116 17.16 33.84 -3.02
C LEU C 116 17.65 33.92 -1.54
N ALA C 117 18.41 34.93 -1.14
CA ALA C 117 19.16 34.92 0.15
C ALA C 117 18.23 34.98 1.36
N GLY C 118 17.06 35.59 1.21
CA GLY C 118 16.03 35.69 2.24
C GLY C 118 15.19 34.43 2.38
N LYS C 119 15.30 33.47 1.45
CA LYS C 119 14.40 32.29 1.43
C LYS C 119 15.10 31.10 2.11
N THR C 120 14.27 30.27 2.73
CA THR C 120 14.67 28.89 3.11
C THR C 120 14.22 27.98 1.98
N VAL C 121 15.19 27.37 1.33
CA VAL C 121 15.01 26.51 0.13
C VAL C 121 15.57 25.13 0.50
N VAL C 122 14.67 24.16 0.49
CA VAL C 122 15.06 22.76 0.83
C VAL C 122 14.79 21.88 -0.38
N LEU C 123 15.80 21.14 -0.82
CA LEU C 123 15.65 20.14 -1.87
C LEU C 123 15.44 18.75 -1.21
N SER C 124 14.52 17.99 -1.76
CA SER C 124 14.35 16.59 -1.31
C SER C 124 13.84 15.76 -2.46
N GLY C 125 13.70 14.48 -2.21
CA GLY C 125 13.31 13.50 -3.21
C GLY C 125 13.19 12.17 -2.53
N ALA C 126 13.46 11.09 -3.24
CA ALA C 126 13.41 9.74 -2.66
C ALA C 126 14.30 8.82 -3.46
N MET C 127 14.94 7.89 -2.79
CA MET C 127 15.79 6.89 -3.48
C MET C 127 14.92 5.83 -4.16
N VAL C 128 13.71 5.61 -3.64
CA VAL C 128 12.74 4.63 -4.17
C VAL C 128 11.47 5.38 -4.51
N PRO C 129 10.89 5.16 -5.68
CA PRO C 129 9.66 5.89 -6.08
C PRO C 129 8.58 5.81 -5.01
N GLY C 130 7.86 6.92 -4.78
CA GLY C 130 6.72 6.83 -3.84
C GLY C 130 5.67 5.79 -4.21
N ARG C 131 5.54 5.46 -5.50
CA ARG C 131 4.53 4.53 -6.01
C ARG C 131 5.07 3.10 -6.02
N VAL C 132 6.24 2.92 -5.48
CA VAL C 132 6.81 1.57 -5.30
C VAL C 132 6.79 1.24 -3.80
N GLY C 133 6.57 -0.03 -3.51
CA GLY C 133 6.58 -0.51 -2.13
C GLY C 133 7.91 -0.27 -1.45
N GLY C 134 7.86 0.12 -0.19
CA GLY C 134 9.05 0.27 0.64
C GLY C 134 9.77 1.60 0.41
N SER C 135 9.05 2.64 -0.02
CA SER C 135 9.64 3.95 -0.38
C SER C 135 9.90 4.83 0.86
N ASP C 136 10.99 5.62 0.82
CA ASP C 136 11.32 6.68 1.77
C ASP C 136 10.55 7.98 1.44
N ALA C 137 9.77 8.02 0.35
CA ALA C 137 9.19 9.31 -0.10
C ALA C 137 8.33 10.02 0.97
N ALA C 138 7.33 9.37 1.55
CA ALA C 138 6.39 10.08 2.42
C ALA C 138 7.12 10.64 3.65
N PHE C 139 7.99 9.85 4.26
CA PHE C 139 8.80 10.33 5.40
C PHE C 139 9.61 11.55 4.94
N ASN C 140 10.27 11.45 3.78
CA ASN C 140 11.14 12.54 3.30
C ASN C 140 10.29 13.79 3.11
N ILE C 141 9.13 13.66 2.52
CA ILE C 141 8.24 14.82 2.30
C ILE C 141 7.88 15.49 3.64
N GLY C 142 7.42 14.72 4.65
CA GLY C 142 7.13 15.31 5.95
C GLY C 142 8.33 16.03 6.52
N PHE C 143 9.48 15.36 6.52
CA PHE C 143 10.75 15.90 7.06
C PHE C 143 11.13 17.18 6.33
N ALA C 144 11.03 17.20 5.03
CA ALA C 144 11.49 18.34 4.22
C ALA C 144 10.52 19.52 4.34
N CYS C 145 9.21 19.29 4.49
CA CYS C 145 8.22 20.37 4.68
C CYS C 145 8.54 21.08 6.01
N ALA C 146 8.76 20.33 7.07
CA ALA C 146 9.19 20.90 8.36
C ALA C 146 10.51 21.66 8.15
N ALA C 147 11.49 21.08 7.46
CA ALA C 147 12.81 21.74 7.27
C ALA C 147 12.61 23.09 6.56
N ALA C 148 11.79 23.12 5.51
CA ALA C 148 11.51 24.35 4.73
C ALA C 148 10.91 25.43 5.66
N LEU C 149 10.07 25.03 6.59
CA LEU C 149 9.37 25.96 7.51
C LEU C 149 10.26 26.37 8.67
N MET C 150 11.22 25.54 9.09
CA MET C 150 11.93 25.75 10.38
C MET C 150 13.36 26.25 10.24
N LEU C 151 14.05 25.96 9.15
CA LEU C 151 15.48 26.32 9.00
C LEU C 151 15.60 27.82 8.69
N ALA C 152 16.77 28.39 9.03
CA ALA C 152 17.12 29.78 8.71
C ALA C 152 17.25 29.87 7.20
N PRO C 153 17.12 31.07 6.61
CA PRO C 153 17.38 31.23 5.20
C PRO C 153 18.66 30.54 4.78
N GLY C 154 18.65 30.00 3.57
CA GLY C 154 19.77 29.26 3.01
C GLY C 154 19.25 28.19 2.10
N VAL C 155 20.14 27.41 1.55
CA VAL C 155 19.77 26.29 0.66
C VAL C 155 20.27 25.00 1.29
N TYR C 156 19.40 23.99 1.37
CA TYR C 156 19.67 22.74 2.11
C TYR C 156 19.18 21.55 1.31
N ILE C 157 19.77 20.39 1.57
CA ILE C 157 19.22 19.07 1.11
C ILE C 157 18.71 18.35 2.34
N ALA C 158 17.45 17.92 2.33
CA ALA C 158 16.88 17.18 3.45
C ALA C 158 16.63 15.75 2.97
N MET C 159 17.45 14.85 3.44
CA MET C 159 17.39 13.43 3.05
C MET C 159 17.94 12.62 4.23
N HIS C 160 17.53 11.36 4.35
CA HIS C 160 18.07 10.41 5.35
C HIS C 160 17.79 10.91 6.77
N GLY C 161 16.72 11.69 6.92
CA GLY C 161 16.36 12.26 8.26
C GLY C 161 17.38 13.26 8.82
N LYS C 162 18.13 13.92 7.95
CA LYS C 162 19.01 15.00 8.35
C LYS C 162 19.10 16.06 7.27
N VAL C 163 19.81 17.12 7.63
CA VAL C 163 19.96 18.32 6.79
C VAL C 163 21.42 18.36 6.36
N PHE C 164 21.61 18.41 5.06
CA PHE C 164 22.94 18.52 4.42
C PHE C 164 23.19 19.93 3.90
N ASP C 165 24.44 20.39 4.11
CA ASP C 165 25.00 21.63 3.49
C ASP C 165 25.47 21.29 2.08
N PRO C 166 24.83 21.78 1.01
CA PRO C 166 25.14 21.34 -0.35
C PRO C 166 26.61 21.49 -0.80
N ALA C 167 27.25 22.58 -0.38
CA ALA C 167 28.68 22.85 -0.65
C ALA C 167 29.54 21.73 -0.05
N LYS C 168 29.07 21.08 1.02
CA LYS C 168 29.88 20.05 1.74
C LYS C 168 29.26 18.66 1.61
N THR C 169 28.48 18.42 0.56
CA THR C 169 27.77 17.13 0.39
C THR C 169 28.07 16.55 -0.99
N ARG C 170 28.07 15.22 -1.08
CA ARG C 170 28.05 14.49 -2.35
C ARG C 170 27.08 13.32 -2.24
N LYS C 171 26.58 12.83 -3.35
CA LYS C 171 25.85 11.53 -3.36
C LYS C 171 26.83 10.36 -3.47
N ASN C 172 26.91 9.48 -2.46
CA ASN C 172 27.82 8.30 -2.44
C ASN C 172 27.06 7.09 -2.99
N ARG C 173 27.25 6.70 -4.26
CA ARG C 173 26.46 5.61 -4.89
C ARG C 173 26.82 4.25 -4.27
N GLY C 174 28.04 4.08 -3.76
CA GLY C 174 28.43 2.84 -3.06
C GLY C 174 27.61 2.60 -1.79
N LEU C 175 27.24 3.67 -1.10
CA LEU C 175 26.44 3.66 0.15
C LEU C 175 24.95 3.71 -0.16
N GLY C 176 24.57 4.29 -1.31
CA GLY C 176 23.20 4.64 -1.66
C GLY C 176 22.66 5.79 -0.83
N ARG C 177 23.53 6.67 -0.28
CA ARG C 177 23.11 7.86 0.51
C ARG C 177 23.95 9.10 0.16
N PHE C 178 23.39 10.30 0.32
CA PHE C 178 24.19 11.55 0.42
C PHE C 178 25.10 11.42 1.65
N GLU C 179 26.31 11.97 1.60
CA GLU C 179 27.22 11.98 2.76
C GLU C 179 28.00 13.28 2.78
N PRO C 180 28.48 13.73 3.96
CA PRO C 180 29.30 14.94 4.00
C PRO C 180 30.68 14.65 3.38
N ILE C 181 31.36 15.70 2.87
CA ILE C 181 32.70 15.56 2.23
C ILE C 181 33.77 15.65 3.32
N SER D 13 39.74 10.39 13.10
CA SER D 13 38.85 9.21 13.18
C SER D 13 37.99 9.22 11.91
N MET D 14 37.59 8.04 11.41
CA MET D 14 36.58 7.88 10.33
C MET D 14 35.25 8.51 10.79
N ALA D 15 34.46 9.12 9.91
CA ALA D 15 33.28 9.89 10.37
C ALA D 15 32.27 8.95 11.05
N VAL D 16 31.75 9.31 12.22
CA VAL D 16 30.64 8.56 12.89
C VAL D 16 29.39 9.39 12.73
N SER D 17 28.31 8.78 12.27
CA SER D 17 26.99 9.47 12.21
C SER D 17 26.40 9.49 13.61
N PRO D 18 26.01 10.68 14.12
CA PRO D 18 25.33 10.74 15.39
C PRO D 18 23.88 10.27 15.22
N SER D 19 23.27 10.03 16.37
CA SER D 19 21.87 9.53 16.50
C SER D 19 21.22 10.48 17.50
N PRO D 20 21.03 11.77 17.13
CA PRO D 20 20.63 12.78 18.11
C PRO D 20 19.16 12.70 18.57
N LEU D 21 18.33 11.92 17.85
CA LEU D 21 16.89 11.79 18.16
C LEU D 21 16.59 10.47 18.84
N ARG D 22 15.83 10.49 19.94
CA ARG D 22 15.23 9.27 20.53
C ARG D 22 13.71 9.37 20.38
N ILE D 23 13.08 8.25 20.09
CA ILE D 23 11.60 8.14 19.98
C ILE D 23 11.05 7.27 21.09
N PHE D 24 10.03 7.77 21.76
CA PHE D 24 9.20 6.95 22.68
C PHE D 24 7.80 6.75 22.13
N THR D 25 7.22 5.60 22.42
CA THR D 25 5.87 5.28 21.88
C THR D 25 4.92 5.05 23.06
N ALA D 26 3.79 5.73 23.02
CA ALA D 26 2.76 5.62 24.07
C ALA D 26 1.46 5.10 23.48
N GLY D 27 1.45 4.63 22.25
CA GLY D 27 0.23 4.06 21.64
C GLY D 27 -0.57 5.07 20.85
N GLY D 28 -1.90 4.91 20.82
CA GLY D 28 -2.78 5.83 20.10
C GLY D 28 -3.16 5.28 18.72
N THR D 29 -4.10 5.96 18.10
CA THR D 29 -4.67 5.60 16.79
C THR D 29 -3.55 5.30 15.78
N ILE D 30 -2.46 6.08 15.81
CA ILE D 30 -1.32 5.82 14.88
C ILE D 30 -0.93 4.34 14.84
N ASP D 31 -0.99 3.62 15.97
CA ASP D 31 -0.47 2.25 16.10
C ASP D 31 -1.59 1.21 16.07
N ALA D 32 -2.81 1.59 15.74
CA ALA D 32 -3.90 0.61 15.79
C ALA D 32 -3.65 -0.48 14.75
N ASP D 33 -4.14 -1.69 15.02
CA ASP D 33 -3.97 -2.79 14.07
C ASP D 33 -5.18 -3.71 14.23
N TYR D 34 -5.52 -4.41 13.16
CA TYR D 34 -6.76 -5.23 13.19
C TYR D 34 -6.45 -6.57 13.88
N ARG D 35 -7.38 -7.01 14.74
CA ARG D 35 -7.23 -8.31 15.44
C ARG D 35 -8.54 -9.08 15.22
N LEU D 36 -8.45 -10.24 14.57
CA LEU D 36 -9.58 -11.20 14.33
C LEU D 36 -10.28 -11.48 15.65
N GLU D 37 -9.48 -11.78 16.67
CA GLU D 37 -9.91 -12.12 18.05
C GLU D 37 -10.99 -11.13 18.48
N GLU D 38 -10.74 -9.83 18.32
CA GLU D 38 -11.61 -8.75 18.87
C GLU D 38 -12.56 -8.24 17.79
N ASN D 39 -12.44 -8.66 16.53
CA ASN D 39 -13.31 -8.16 15.44
C ASN D 39 -13.19 -6.63 15.30
N GLY D 40 -11.99 -6.06 15.48
CA GLY D 40 -11.82 -4.61 15.47
C GLY D 40 -10.36 -4.24 15.67
N LEU D 41 -10.11 -2.97 15.87
CA LEU D 41 -8.73 -2.47 16.08
C LEU D 41 -8.38 -2.57 17.55
N VAL D 42 -7.12 -2.89 17.78
CA VAL D 42 -6.42 -2.75 19.08
C VAL D 42 -5.21 -1.82 18.87
N VAL D 43 -4.67 -1.30 19.96
CA VAL D 43 -3.31 -0.69 19.92
C VAL D 43 -2.27 -1.79 19.73
N GLY D 44 -1.59 -1.78 18.58
CA GLY D 44 -0.62 -2.82 18.13
C GLY D 44 0.79 -2.32 18.24
N ASP D 45 1.67 -2.85 17.42
CA ASP D 45 3.10 -2.47 17.42
C ASP D 45 3.25 -1.04 16.92
N PRO D 46 4.35 -0.38 17.30
CA PRO D 46 4.56 1.03 16.96
C PRO D 46 4.78 1.23 15.46
N PHE D 47 3.91 2.03 14.87
CA PHE D 47 3.89 2.29 13.43
C PHE D 47 5.13 3.11 13.07
N VAL D 48 5.59 3.97 13.97
CA VAL D 48 6.80 4.79 13.74
C VAL D 48 7.99 3.87 13.37
N ALA D 49 8.10 2.69 13.98
CA ALA D 49 9.21 1.79 13.62
C ALA D 49 9.11 1.34 12.17
N GLU D 50 7.90 1.12 11.64
CA GLU D 50 7.77 0.71 10.23
C GLU D 50 8.19 1.86 9.29
N VAL D 51 7.84 3.09 9.61
CA VAL D 51 8.20 4.24 8.75
C VAL D 51 9.70 4.35 8.77
N LEU D 52 10.33 4.24 9.93
CA LEU D 52 11.78 4.50 9.97
C LEU D 52 12.56 3.35 9.35
N LYS D 53 12.01 2.15 9.28
CA LYS D 53 12.70 0.99 8.65
C LYS D 53 13.07 1.32 7.20
N THR D 54 12.24 2.06 6.45
CA THR D 54 12.46 2.31 5.01
C THR D 54 12.89 3.77 4.80
N ALA D 55 13.19 4.54 5.86
CA ALA D 55 13.52 5.97 5.72
C ALA D 55 14.99 6.17 5.28
N ARG D 56 15.77 5.10 5.14
CA ARG D 56 17.19 5.21 4.72
C ARG D 56 17.90 6.28 5.53
N LEU D 57 17.85 6.15 6.84
CA LEU D 57 18.40 7.15 7.76
C LEU D 57 19.94 7.14 7.70
N ALA D 58 20.53 8.30 7.83
CA ALA D 58 22.01 8.42 7.93
C ALA D 58 22.45 7.89 9.31
N GLY D 59 21.69 8.26 10.34
CA GLY D 59 21.93 7.79 11.73
C GLY D 59 21.04 6.61 12.04
N ALA D 60 20.83 6.39 13.32
CA ALA D 60 19.87 5.38 13.77
C ALA D 60 18.94 6.16 14.67
N VAL D 61 17.80 5.58 14.96
CA VAL D 61 16.93 6.16 15.99
C VAL D 61 16.57 5.02 16.92
N SER D 62 16.87 5.19 18.20
CA SER D 62 16.42 4.27 19.24
C SER D 62 14.94 4.58 19.47
N ILE D 63 14.15 3.51 19.36
CA ILE D 63 12.68 3.52 19.61
C ILE D 63 12.39 2.68 20.85
N VAL D 64 11.80 3.30 21.88
CA VAL D 64 11.46 2.67 23.18
C VAL D 64 9.95 2.75 23.46
N ALA D 65 9.37 1.61 23.83
CA ALA D 65 7.96 1.47 24.24
C ALA D 65 7.75 2.03 25.64
N LEU D 66 6.75 2.88 25.81
CA LEU D 66 6.35 3.29 27.17
C LEU D 66 4.99 2.70 27.49
N SER D 67 4.13 2.49 26.49
CA SER D 67 2.72 2.15 26.78
C SER D 67 2.01 1.75 25.50
N ARG D 68 0.93 0.98 25.69
CA ARG D 68 -0.08 0.67 24.64
C ARG D 68 -1.51 0.94 25.13
N LYS D 69 -1.74 1.87 26.04
CA LYS D 69 -3.12 2.24 26.47
C LYS D 69 -3.78 3.13 25.43
N ASP D 70 -5.11 3.23 25.47
CA ASP D 70 -5.82 4.37 24.81
C ASP D 70 -5.47 5.62 25.61
N SER D 71 -5.19 6.73 24.92
CA SER D 71 -4.73 8.00 25.54
C SER D 71 -5.84 8.54 26.45
N LEU D 72 -7.08 8.06 26.25
CA LEU D 72 -8.23 8.40 27.13
C LEU D 72 -8.05 7.74 28.50
N ASP D 73 -7.35 6.60 28.63
CA ASP D 73 -7.19 5.84 29.91
C ASP D 73 -5.89 6.25 30.66
N PHE D 74 -5.24 7.34 30.28
CA PHE D 74 -4.04 7.82 31.01
C PHE D 74 -4.45 8.52 32.32
N THR D 75 -3.75 8.16 33.39
CA THR D 75 -3.77 8.73 34.77
C THR D 75 -2.59 9.70 34.97
N GLU D 76 -2.59 10.43 36.10
CA GLU D 76 -1.40 11.09 36.73
C GLU D 76 -0.18 10.19 36.55
N ALA D 77 -0.30 8.93 37.00
CA ALA D 77 0.79 7.94 37.17
C ALA D 77 1.40 7.57 35.81
N ASP D 78 0.59 7.53 34.77
CA ASP D 78 1.07 7.21 33.41
C ASP D 78 1.86 8.41 32.88
N ARG D 79 1.30 9.62 33.02
CA ARG D 79 1.92 10.89 32.61
C ARG D 79 3.25 11.05 33.37
N GLU D 80 3.28 10.75 34.67
CA GLU D 80 4.53 10.85 35.48
C GLU D 80 5.61 9.88 34.96
N ALA D 81 5.28 8.65 34.56
CA ALA D 81 6.30 7.68 34.07
C ALA D 81 6.86 8.10 32.71
N ILE D 82 6.00 8.69 31.88
CA ILE D 82 6.49 9.19 30.56
C ILE D 82 7.56 10.26 30.84
N GLY D 83 7.30 11.16 31.80
CA GLY D 83 8.21 12.25 32.20
C GLY D 83 9.57 11.72 32.64
N ARG D 84 9.62 10.64 33.43
CA ARG D 84 10.90 10.03 33.87
C ARG D 84 11.70 9.49 32.69
N ALA D 85 11.09 8.67 31.81
CA ALA D 85 11.77 8.09 30.64
C ALA D 85 12.37 9.20 29.78
N VAL D 86 11.59 10.25 29.52
CA VAL D 86 12.06 11.36 28.66
C VAL D 86 13.20 12.07 29.38
N GLY D 87 13.06 12.33 30.69
CA GLY D 87 14.10 12.99 31.51
C GLY D 87 15.40 12.23 31.56
N GLN D 88 15.36 10.88 31.51
CA GLN D 88 16.54 10.01 31.63
C GLN D 88 17.24 9.79 30.32
N ALA D 89 16.64 10.18 29.20
CA ALA D 89 17.30 10.02 27.89
C ALA D 89 18.53 10.92 27.85
N VAL D 90 19.61 10.46 27.27
CA VAL D 90 20.82 11.28 27.00
C VAL D 90 20.52 12.27 25.88
N GLU D 91 19.73 11.88 24.88
CA GLU D 91 19.43 12.74 23.71
C GLU D 91 18.68 14.02 24.11
N ASP D 92 18.91 15.13 23.39
CA ASP D 92 18.24 16.42 23.65
C ASP D 92 17.14 16.67 22.60
N HIS D 93 16.84 15.65 21.80
CA HIS D 93 15.80 15.74 20.77
C HIS D 93 14.93 14.50 20.93
N ILE D 94 13.66 14.71 21.19
CA ILE D 94 12.76 13.59 21.59
C ILE D 94 11.43 13.71 20.83
N LEU D 95 10.99 12.61 20.23
CA LEU D 95 9.63 12.47 19.66
C LEU D 95 8.90 11.42 20.48
N LEU D 96 7.71 11.76 20.88
CA LEU D 96 6.79 10.86 21.59
C LEU D 96 5.56 10.65 20.72
N THR D 97 5.38 9.45 20.18
CA THR D 97 4.12 9.12 19.47
C THR D 97 3.06 8.73 20.49
N HIS D 98 1.81 9.14 20.24
CA HIS D 98 0.77 9.23 21.30
C HIS D 98 -0.62 9.32 20.68
N GLY D 99 -1.64 8.89 21.42
CA GLY D 99 -3.04 9.16 21.04
C GLY D 99 -3.31 10.64 20.99
N THR D 100 -4.24 11.04 20.13
CA THR D 100 -4.53 12.47 20.01
C THR D 100 -5.50 12.93 21.10
N ASP D 101 -6.32 12.05 21.69
CA ASP D 101 -7.38 12.50 22.64
C ASP D 101 -6.79 13.18 23.86
N THR D 102 -5.65 12.73 24.40
CA THR D 102 -5.02 13.34 25.58
C THR D 102 -3.56 13.74 25.31
N MET D 103 -3.22 13.99 24.07
CA MET D 103 -1.87 14.48 23.71
C MET D 103 -1.60 15.85 24.36
N VAL D 104 -2.58 16.74 24.38
CA VAL D 104 -2.45 18.09 25.02
C VAL D 104 -2.16 17.88 26.52
N GLU D 105 -2.86 16.96 27.20
CA GLU D 105 -2.66 16.75 28.67
C GLU D 105 -1.23 16.33 28.92
N THR D 106 -0.75 15.40 28.10
CA THR D 106 0.59 14.85 28.32
C THR D 106 1.61 15.95 28.02
N ALA D 107 1.38 16.72 26.97
CA ALA D 107 2.32 17.78 26.51
C ALA D 107 2.41 18.86 27.58
N ARG D 108 1.27 19.22 28.14
CA ARG D 108 1.21 20.30 29.18
C ARG D 108 1.96 19.84 30.41
N TYR D 109 1.77 18.60 30.80
CA TYR D 109 2.47 17.99 31.94
C TYR D 109 4.00 18.01 31.73
N LEU D 110 4.48 17.61 30.56
CA LEU D 110 5.94 17.53 30.29
C LEU D 110 6.54 18.95 30.30
N GLY D 111 5.75 19.95 29.93
CA GLY D 111 6.11 21.37 29.91
C GLY D 111 6.51 21.85 31.30
N GLY D 112 5.95 21.24 32.33
CA GLY D 112 6.17 21.65 33.73
C GLY D 112 7.40 21.01 34.34
N LEU D 113 8.15 20.20 33.61
CA LEU D 113 9.24 19.42 34.24
C LEU D 113 10.56 20.12 33.98
N PRO D 114 11.19 20.70 35.01
CA PRO D 114 12.44 21.41 34.81
C PRO D 114 13.55 20.54 34.22
N GLU D 115 13.49 19.23 34.48
CA GLU D 115 14.46 18.24 33.95
C GLU D 115 14.41 18.17 32.42
N LEU D 116 13.39 18.72 31.76
CA LEU D 116 13.35 18.67 30.28
C LEU D 116 13.80 20.00 29.69
N ALA D 117 14.30 20.95 30.49
CA ALA D 117 14.51 22.33 29.98
C ALA D 117 15.48 22.42 28.81
N GLY D 118 16.44 21.50 28.69
CA GLY D 118 17.43 21.56 27.60
C GLY D 118 17.05 20.68 26.44
N LYS D 119 15.86 20.08 26.50
CA LYS D 119 15.40 19.14 25.45
C LYS D 119 14.30 19.75 24.59
N THR D 120 14.33 19.36 23.32
CA THR D 120 13.25 19.63 22.36
C THR D 120 12.41 18.37 22.35
N VAL D 121 11.16 18.48 22.78
CA VAL D 121 10.27 17.31 22.95
C VAL D 121 9.01 17.55 22.13
N VAL D 122 8.79 16.70 21.14
CA VAL D 122 7.63 16.85 20.24
C VAL D 122 6.73 15.64 20.40
N LEU D 123 5.43 15.91 20.49
CA LEU D 123 4.42 14.83 20.49
C LEU D 123 3.77 14.83 19.12
N SER D 124 3.50 13.65 18.60
CA SER D 124 2.77 13.54 17.34
C SER D 124 2.05 12.20 17.37
N GLY D 125 1.32 11.96 16.31
CA GLY D 125 0.44 10.79 16.23
C GLY D 125 -0.23 10.81 14.85
N ALA D 126 -1.42 10.28 14.75
CA ALA D 126 -2.17 10.25 13.46
C ALA D 126 -3.67 10.21 13.73
N MET D 127 -4.43 10.90 12.90
CA MET D 127 -5.90 10.88 12.99
C MET D 127 -6.41 9.57 12.39
N VAL D 128 -5.68 8.95 11.47
CA VAL D 128 -6.04 7.67 10.82
C VAL D 128 -4.92 6.70 11.11
N PRO D 129 -5.19 5.45 11.54
CA PRO D 129 -4.11 4.50 11.82
C PRO D 129 -3.14 4.38 10.65
N GLY D 130 -1.85 4.27 10.89
CA GLY D 130 -0.85 4.03 9.83
C GLY D 130 -1.17 2.81 9.00
N ARG D 131 -1.74 1.77 9.61
CA ARG D 131 -2.04 0.50 8.90
C ARG D 131 -3.40 0.56 8.21
N VAL D 132 -4.05 1.70 8.18
CA VAL D 132 -5.30 1.92 7.39
C VAL D 132 -4.98 2.79 6.19
N GLY D 133 -5.59 2.50 5.02
CA GLY D 133 -5.38 3.33 3.83
C GLY D 133 -5.74 4.79 4.09
N GLY D 134 -4.98 5.69 3.48
CA GLY D 134 -5.29 7.13 3.54
C GLY D 134 -4.78 7.78 4.82
N SER D 135 -3.76 7.22 5.46
CA SER D 135 -3.28 7.70 6.79
C SER D 135 -2.32 8.90 6.63
N ASP D 136 -2.47 9.85 7.54
CA ASP D 136 -1.52 10.97 7.77
C ASP D 136 -0.21 10.51 8.49
N ALA D 137 -0.08 9.27 8.96
CA ALA D 137 0.98 8.83 9.90
C ALA D 137 2.38 9.09 9.34
N ALA D 138 2.71 8.62 8.13
CA ALA D 138 4.09 8.67 7.65
C ALA D 138 4.52 10.14 7.50
N PHE D 139 3.67 10.98 6.92
CA PHE D 139 3.95 12.42 6.82
C PHE D 139 4.22 12.99 8.22
N ASN D 140 3.33 12.69 9.15
CA ASN D 140 3.42 13.28 10.50
C ASN D 140 4.71 12.84 11.16
N ILE D 141 5.13 11.60 10.95
CA ILE D 141 6.39 11.10 11.55
CA ILE D 141 6.40 11.06 11.53
C ILE D 141 7.58 11.84 10.90
N GLY D 142 7.64 11.99 9.58
CA GLY D 142 8.74 12.79 9.04
C GLY D 142 8.75 14.21 9.56
N PHE D 143 7.61 14.87 9.55
CA PHE D 143 7.47 16.28 9.96
C PHE D 143 7.93 16.39 11.42
N ALA D 144 7.49 15.47 12.26
CA ALA D 144 7.74 15.53 13.70
C ALA D 144 9.20 15.23 14.02
N CYS D 145 9.83 14.33 13.30
CA CYS D 145 11.26 14.03 13.53
C CYS D 145 12.05 15.29 13.19
N ALA D 146 11.70 15.95 12.10
CA ALA D 146 12.34 17.21 11.72
C ALA D 146 12.10 18.26 12.83
N ALA D 147 10.88 18.35 13.32
CA ALA D 147 10.53 19.35 14.34
C ALA D 147 11.35 19.08 15.60
N ALA D 148 11.49 17.82 16.00
CA ALA D 148 12.24 17.43 17.22
C ALA D 148 13.71 17.86 17.07
N LEU D 149 14.25 17.79 15.87
CA LEU D 149 15.67 18.17 15.63
C LEU D 149 15.81 19.67 15.51
N MET D 150 14.81 20.40 15.00
CA MET D 150 15.07 21.79 14.55
C MET D 150 14.49 22.82 15.51
N LEU D 151 13.48 22.52 16.26
CA LEU D 151 12.87 23.51 17.19
C LEU D 151 13.77 23.76 18.39
N ALA D 152 13.68 24.95 18.97
CA ALA D 152 14.37 25.24 20.23
C ALA D 152 13.84 24.34 21.33
N PRO D 153 14.55 24.19 22.48
CA PRO D 153 14.05 23.42 23.60
C PRO D 153 12.65 23.87 24.06
N GLY D 154 11.84 22.88 24.42
CA GLY D 154 10.44 23.12 24.79
C GLY D 154 9.65 21.85 24.53
N VAL D 155 8.34 21.97 24.65
CA VAL D 155 7.44 20.83 24.38
C VAL D 155 6.41 21.33 23.39
N TYR D 156 6.20 20.55 22.33
CA TYR D 156 5.40 20.94 21.17
C TYR D 156 4.52 19.78 20.73
N ILE D 157 3.44 20.14 20.03
CA ILE D 157 2.64 19.14 19.26
C ILE D 157 2.83 19.46 17.77
N ALA D 158 3.25 18.47 17.00
CA ALA D 158 3.44 18.63 15.55
C ALA D 158 2.41 17.75 14.87
N MET D 159 1.44 18.42 14.26
CA MET D 159 0.34 17.80 13.53
C MET D 159 -0.17 18.79 12.47
N HIS D 160 -0.78 18.26 11.41
CA HIS D 160 -1.40 19.09 10.36
C HIS D 160 -0.33 19.96 9.71
N GLY D 161 0.93 19.49 9.68
CA GLY D 161 2.03 20.19 9.01
C GLY D 161 2.32 21.51 9.69
N LYS D 162 2.12 21.55 10.99
CA LYS D 162 2.44 22.77 11.79
C LYS D 162 2.77 22.41 13.24
N VAL D 163 3.21 23.41 14.00
CA VAL D 163 3.65 23.23 15.39
C VAL D 163 2.70 23.98 16.30
N PHE D 164 2.27 23.29 17.33
CA PHE D 164 1.29 23.82 18.30
C PHE D 164 1.95 23.96 19.66
N ASP D 165 1.61 25.08 20.34
CA ASP D 165 2.00 25.34 21.75
C ASP D 165 0.95 24.68 22.63
N PRO D 166 1.29 23.65 23.43
CA PRO D 166 0.31 22.84 24.15
C PRO D 166 -0.61 23.67 25.08
N ALA D 167 -0.04 24.73 25.65
CA ALA D 167 -0.75 25.62 26.60
C ALA D 167 -1.89 26.35 25.89
N LYS D 168 -1.84 26.46 24.56
CA LYS D 168 -2.71 27.34 23.72
C LYS D 168 -3.49 26.50 22.71
N THR D 169 -3.52 25.17 22.92
CA THR D 169 -4.05 24.19 21.94
C THR D 169 -5.10 23.32 22.59
N ARG D 170 -6.11 22.93 21.80
CA ARG D 170 -7.02 21.83 22.23
C ARG D 170 -7.28 20.92 21.03
N LYS D 171 -7.58 19.70 21.38
CA LYS D 171 -8.08 18.71 20.42
C LYS D 171 -9.57 18.95 20.22
N ASN D 172 -9.99 19.16 18.98
CA ASN D 172 -11.42 19.23 18.59
C ASN D 172 -11.83 17.82 18.13
N ARG D 173 -12.46 17.06 19.00
CA ARG D 173 -12.79 15.64 18.72
C ARG D 173 -13.76 15.58 17.55
N GLY D 174 -14.80 16.40 17.62
CA GLY D 174 -15.85 16.48 16.59
C GLY D 174 -15.26 16.82 15.23
N LEU D 175 -14.35 17.80 15.17
CA LEU D 175 -13.76 18.27 13.88
C LEU D 175 -12.51 17.45 13.50
N GLY D 176 -11.99 16.56 14.35
CA GLY D 176 -10.82 15.72 14.01
C GLY D 176 -9.54 16.52 13.78
N ARG D 177 -9.30 17.57 14.55
CA ARG D 177 -8.08 18.42 14.40
C ARG D 177 -7.67 19.03 15.74
N PHE D 178 -6.40 19.35 15.86
CA PHE D 178 -5.92 20.28 16.89
C PHE D 178 -6.22 21.70 16.42
N GLU D 179 -6.54 22.55 17.35
CA GLU D 179 -6.85 23.96 17.04
C GLU D 179 -6.36 24.84 18.17
N PRO D 180 -6.15 26.14 17.88
CA PRO D 180 -5.97 27.15 18.92
C PRO D 180 -7.18 27.32 19.85
N ILE D 181 -6.91 27.64 21.12
CA ILE D 181 -7.95 28.09 22.09
C ILE D 181 -8.36 29.55 21.81
N ASP E . 7.79 -7.08 -20.66
CA ASP E . 7.00 -7.80 -19.62
C ASP E . 7.35 -9.29 -19.72
O ASP E . 8.11 -9.78 -18.87
CB ASP E . 5.52 -7.37 -19.73
CG ASP E . 4.56 -7.92 -18.68
OD1 ASP E . 3.41 -7.33 -18.56
OD2 ASP E . 4.92 -8.95 -18.02
OXT ASP E . 6.96 -10.03 -20.64
O1 PG4 F . 4.46 -3.90 -1.91
C1 PG4 F . 3.13 -4.21 -1.52
C2 PG4 F . 2.15 -3.20 -1.99
O2 PG4 F . 2.58 -2.75 -3.27
C3 PG4 F . 1.79 -1.71 -3.82
C4 PG4 F . 2.64 -0.54 -4.03
O3 PG4 F . 2.46 0.33 -2.95
C5 PG4 F . 3.08 1.61 -3.10
C6 PG4 F . 2.57 2.52 -2.04
O4 PG4 F . 1.37 3.16 -2.45
C7 PG4 F . 1.58 4.46 -3.01
C8 PG4 F . 0.37 4.92 -3.76
O5 PG4 F . 0.24 4.31 -5.05
O1 PG4 G . -6.77 -2.18 -3.92
C1 PG4 G . -6.95 -3.12 -4.99
C2 PG4 G . -5.92 -4.24 -5.03
O2 PG4 G . -5.15 -4.30 -3.83
C3 PG4 G . -4.14 -5.29 -3.85
C4 PG4 G . -3.79 -5.65 -2.45
O3 PG4 G . -2.87 -6.73 -2.42
C5 PG4 G . -3.17 -7.77 -1.49
C6 PG4 G . -2.07 -8.79 -1.49
O4 PG4 G . -0.92 -8.27 -0.79
C7 PG4 G . 0.30 -8.37 -1.51
C8 PG4 G . 1.47 -8.03 -0.63
O5 PG4 G . 2.06 -6.78 -0.95
N ASP H . 17.90 9.16 -11.69
CA ASP H . 17.03 9.65 -10.60
C ASP H . 17.00 11.18 -10.74
O ASP H . 16.04 11.70 -11.26
CB ASP H . 17.52 9.13 -9.25
CG ASP H . 16.72 9.58 -8.03
OD1 ASP H . 16.96 9.00 -6.95
OD2 ASP H . 15.90 10.55 -8.17
OXT ASP H . 17.98 11.85 -10.38
O1 PG4 I . 0.50 -1.63 6.69
C1 PG4 I . 0.80 -0.42 6.03
C2 PG4 I . 0.17 -0.41 4.69
O2 PG4 I . -0.41 0.84 4.32
C3 PG4 I . -1.66 1.20 4.93
C4 PG4 I . -2.78 0.26 4.66
O3 PG4 I . -2.86 -0.09 3.29
C5 PG4 I . -4.00 -0.92 3.01
C6 PG4 I . -4.30 -0.92 1.56
O4 PG4 I . -5.29 0.09 1.29
C7 PG4 I . -6.38 -0.37 0.50
C8 PG4 I . -6.61 0.53 -0.66
O5 PG4 I . -6.96 -0.21 -1.83
#